data_7R2M
#
_entry.id   7R2M
#
_cell.length_a   60.270
_cell.length_b   60.710
_cell.length_c   143.150
_cell.angle_alpha   90.000
_cell.angle_beta   92.880
_cell.angle_gamma   90.000
#
_symmetry.space_group_name_H-M   'P 1 21 1'
#
loop_
_entity.id
_entity.type
_entity.pdbx_description
1 polymer 'Synaptojanin-2-binding protein,Annexin'
2 polymer 'Vangl2 peptide'
3 non-polymer 'CALCIUM ION'
4 non-polymer GLYCEROL
5 non-polymer 2-{2-[2-(2-{2-[2-(2-ETHOXY-ETHOXY)-ETHOXY]-ETHOXY}-ETHOXY)-ETHOXY]-ETHOXY}-ETHANOL
6 water water
#
loop_
_entity_poly.entity_id
_entity_poly.type
_entity_poly.pdbx_seq_one_letter_code
_entity_poly.pdbx_strand_id
1 'polypeptide(L)'
;QGSHMDYLVTEEEINLTRGPSGLGFNIVGGTDQQYVSNDSGIYVSRIKENGAAALDGRLQEGDKILSVNGQDLKNLLHQD
AVDLFRNAGYAVSLRVQHRLQVQGSAYGSVKAYTNFDAERDALNIETAIKTKGVDEVTIVNILTNRSNEQRQDIAFAYQR
RTKKELASALKSALSGHLETVILGLLKTPAQYDASELKASMKGLGTDEDSLIEIICSRTNQELQEINRVYKEMYKTDLEK
DIISDTSGDFRKLMVALAKGRRAEDGSVIDYELIDQDARDLYDAGVKRKGTDVPKWISIMTERSVPHLQKVFDRYKSYSP
YDMLESIRKEVKGDLENAFLNLVQCIQNKPLYFADRLYDSMKGKGTRDKVLIRIMVSRSEVDMLKIRSEFKRKYGKSLYY
YIQQDTKGDYQKALLYLCGGDD
;
D,A
2 'polypeptide(L)' GSGSGGMRLQSETSVMRLQSETSV B,E
#
loop_
_chem_comp.id
_chem_comp.type
_chem_comp.name
_chem_comp.formula
CA non-polymer 'CALCIUM ION' 'Ca 2'
GOL non-polymer GLYCEROL 'C3 H8 O3'
PE4 non-polymer 2-{2-[2-(2-{2-[2-(2-ETHOXY-ETHOXY)-ETHOXY]-ETHOXY}-ETHOXY)-ETHOXY]-ETHOXY}-ETHANOL 'C16 H34 O8'
#
# COMPACT_ATOMS: atom_id res chain seq x y z
N ASP A 6 18.51 -41.61 16.69
CA ASP A 6 18.85 -42.60 15.68
C ASP A 6 18.03 -43.87 15.87
N TYR A 7 18.06 -44.41 17.09
CA TYR A 7 17.33 -45.63 17.43
C TYR A 7 16.58 -45.44 18.73
N LEU A 8 15.42 -46.11 18.83
CA LEU A 8 14.67 -46.24 20.06
C LEU A 8 14.91 -47.64 20.61
N VAL A 9 15.20 -47.74 21.91
CA VAL A 9 15.79 -48.94 22.48
C VAL A 9 14.97 -49.41 23.67
N THR A 10 14.62 -50.70 23.67
CA THR A 10 14.09 -51.40 24.83
C THR A 10 14.78 -52.75 24.91
N GLU A 11 15.14 -53.16 26.13
CA GLU A 11 15.90 -54.38 26.35
C GLU A 11 15.03 -55.46 26.96
N GLU A 12 15.25 -56.70 26.53
CA GLU A 12 14.42 -57.83 26.94
C GLU A 12 15.31 -59.05 27.16
N GLU A 13 14.98 -59.83 28.18
CA GLU A 13 15.62 -61.12 28.42
C GLU A 13 14.78 -62.22 27.79
N ILE A 14 15.42 -63.06 26.98
CA ILE A 14 14.75 -64.15 26.28
C ILE A 14 15.43 -65.46 26.64
N ASN A 15 14.65 -66.43 27.11
CA ASN A 15 15.15 -67.76 27.43
C ASN A 15 14.64 -68.74 26.37
N LEU A 16 15.57 -69.45 25.75
CA LEU A 16 15.18 -70.34 24.64
C LEU A 16 15.64 -71.76 24.95
N THR A 17 14.94 -72.75 24.40
CA THR A 17 15.39 -74.14 24.52
C THR A 17 15.87 -74.55 23.14
N ARG A 18 17.15 -74.92 23.05
CA ARG A 18 17.74 -75.29 21.74
C ARG A 18 16.93 -76.42 21.11
N GLY A 19 16.42 -76.21 19.88
CA GLY A 19 15.77 -77.31 19.15
C GLY A 19 16.88 -78.08 18.47
N PRO A 20 16.62 -79.17 17.74
CA PRO A 20 17.73 -79.93 17.17
C PRO A 20 18.39 -79.08 16.08
N SER A 21 17.64 -78.15 15.48
CA SER A 21 18.17 -77.29 14.40
C SER A 21 19.05 -76.19 14.99
N GLY A 22 19.06 -76.05 16.31
CA GLY A 22 19.82 -74.97 16.96
C GLY A 22 18.86 -74.03 17.65
N LEU A 23 19.27 -72.78 17.84
CA LEU A 23 18.34 -71.78 18.41
C LEU A 23 17.56 -71.20 17.25
N GLY A 24 18.06 -71.39 16.02
CA GLY A 24 17.21 -70.98 14.92
C GLY A 24 17.34 -69.53 14.50
N PHE A 25 18.56 -69.00 14.50
CA PHE A 25 18.80 -67.66 13.97
C PHE A 25 20.27 -67.49 13.65
N ASN A 26 20.56 -66.53 12.76
CA ASN A 26 21.92 -66.22 12.33
C ASN A 26 22.35 -64.90 12.93
N ILE A 27 23.60 -64.83 13.39
CA ILE A 27 24.16 -63.63 13.97
C ILE A 27 25.18 -63.04 13.02
N VAL A 28 25.32 -61.71 13.08
CA VAL A 28 26.34 -60.98 12.37
C VAL A 28 26.96 -59.97 13.33
N GLY A 29 28.17 -59.53 13.00
CA GLY A 29 28.83 -58.48 13.73
C GLY A 29 30.18 -58.93 14.27
N GLY A 30 30.68 -58.14 15.22
CA GLY A 30 31.99 -58.35 15.79
C GLY A 30 32.94 -57.20 15.46
N THR A 31 34.06 -57.19 16.19
CA THR A 31 35.07 -56.15 15.96
C THR A 31 35.77 -56.33 14.62
N ASP A 32 35.87 -57.56 14.13
CA ASP A 32 36.50 -57.85 12.85
C ASP A 32 35.52 -57.80 11.69
N GLN A 33 34.22 -57.81 11.96
CA GLN A 33 33.19 -57.75 10.91
C GLN A 33 32.06 -56.84 11.37
N GLN A 34 32.37 -55.56 11.57
CA GLN A 34 31.39 -54.62 12.09
C GLN A 34 30.23 -54.46 11.11
N TYR A 35 29.01 -54.67 11.62
CA TYR A 35 27.82 -54.62 10.78
C TYR A 35 27.62 -53.24 10.18
N VAL A 36 27.91 -52.20 10.96
CA VAL A 36 27.95 -50.82 10.45
C VAL A 36 29.36 -50.30 10.61
N SER A 37 29.55 -49.00 10.43
CA SER A 37 30.89 -48.42 10.52
C SER A 37 31.35 -48.21 11.95
N ASN A 38 30.42 -48.16 12.91
CA ASN A 38 30.75 -47.86 14.30
C ASN A 38 30.57 -49.06 15.22
N ASP A 39 29.37 -49.65 15.24
CA ASP A 39 29.06 -50.67 16.24
C ASP A 39 29.80 -51.96 15.95
N SER A 40 30.45 -52.51 16.99
CA SER A 40 31.05 -53.82 16.94
C SER A 40 30.13 -54.91 17.49
N GLY A 41 28.84 -54.60 17.62
CA GLY A 41 27.92 -55.51 18.30
C GLY A 41 27.49 -56.68 17.44
N ILE A 42 26.71 -57.55 18.06
CA ILE A 42 26.22 -58.79 17.45
C ILE A 42 24.74 -58.62 17.17
N TYR A 43 24.33 -58.86 15.93
CA TYR A 43 22.96 -58.61 15.51
C TYR A 43 22.35 -59.85 14.89
N VAL A 44 21.05 -60.03 15.10
CA VAL A 44 20.28 -61.12 14.50
C VAL A 44 19.94 -60.71 13.07
N SER A 45 20.55 -61.39 12.09
CA SER A 45 20.31 -61.07 10.69
C SER A 45 19.20 -61.89 10.06
N ARG A 46 18.82 -63.01 10.68
CA ARG A 46 17.78 -63.87 10.14
C ARG A 46 17.28 -64.78 11.25
N ILE A 47 15.97 -65.02 11.27
CA ILE A 47 15.34 -65.95 12.19
C ILE A 47 14.75 -67.09 11.37
N LYS A 48 15.26 -68.29 11.56
CA LYS A 48 14.79 -69.44 10.79
C LYS A 48 13.34 -69.75 11.11
N GLU A 49 12.56 -70.02 10.08
CA GLU A 49 11.16 -70.36 10.25
C GLU A 49 11.03 -71.71 10.96
N ASN A 50 10.12 -71.76 11.93
CA ASN A 50 9.90 -72.92 12.80
C ASN A 50 11.09 -73.21 13.69
N GLY A 51 12.00 -72.25 13.86
CA GLY A 51 13.08 -72.41 14.80
C GLY A 51 12.65 -72.10 16.23
N ALA A 52 13.54 -72.42 17.18
CA ALA A 52 13.21 -72.24 18.58
C ALA A 52 12.97 -70.78 18.92
N ALA A 53 13.60 -69.86 18.19
CA ALA A 53 13.40 -68.43 18.45
C ALA A 53 12.11 -67.93 17.79
N ALA A 54 11.79 -68.44 16.60
CA ALA A 54 10.54 -68.06 15.95
C ALA A 54 9.34 -68.53 16.76
N LEU A 55 9.37 -69.78 17.22
CA LEU A 55 8.27 -70.31 18.03
C LEU A 55 8.12 -69.53 19.33
N ASP A 56 9.24 -69.14 19.94
CA ASP A 56 9.16 -68.33 21.15
C ASP A 56 8.63 -66.93 20.86
N GLY A 57 8.90 -66.41 19.65
CA GLY A 57 8.29 -65.19 19.19
C GLY A 57 8.82 -63.89 19.77
N ARG A 58 9.69 -63.96 20.78
CA ARG A 58 10.17 -62.73 21.41
C ARG A 58 11.34 -62.11 20.65
N LEU A 59 12.17 -62.92 20.00
CA LEU A 59 13.33 -62.40 19.29
C LEU A 59 12.90 -61.80 17.95
N GLN A 60 13.53 -60.69 17.59
CA GLN A 60 13.21 -59.98 16.36
C GLN A 60 14.46 -59.84 15.49
N GLU A 61 14.28 -59.92 14.18
CA GLU A 61 15.37 -59.68 13.26
C GLU A 61 15.82 -58.22 13.37
N GLY A 62 17.12 -58.04 13.63
CA GLY A 62 17.67 -56.71 13.86
C GLY A 62 18.00 -56.43 15.31
N ASP A 63 17.58 -57.28 16.24
CA ASP A 63 17.92 -57.10 17.64
C ASP A 63 19.42 -57.26 17.86
N LYS A 64 19.90 -56.66 18.95
CA LYS A 64 21.29 -56.76 19.36
C LYS A 64 21.41 -57.70 20.55
N ILE A 65 22.29 -58.69 20.44
CA ILE A 65 22.54 -59.61 21.54
C ILE A 65 23.52 -58.94 22.50
N LEU A 66 23.04 -58.60 23.70
CA LEU A 66 23.91 -57.99 24.69
C LEU A 66 24.73 -59.04 25.45
N SER A 67 24.05 -60.05 26.01
CA SER A 67 24.72 -61.07 26.79
C SER A 67 24.09 -62.43 26.51
N VAL A 68 24.93 -63.46 26.55
CA VAL A 68 24.51 -64.85 26.43
C VAL A 68 24.98 -65.57 27.69
N ASN A 69 24.02 -66.02 28.50
CA ASN A 69 24.31 -66.70 29.76
C ASN A 69 25.23 -65.86 30.64
N GLY A 70 24.87 -64.59 30.82
CA GLY A 70 25.61 -63.68 31.65
C GLY A 70 26.93 -63.22 31.09
N GLN A 71 27.32 -63.68 29.90
CA GLN A 71 28.57 -63.28 29.27
C GLN A 71 28.28 -62.18 28.25
N ASP A 72 28.90 -61.01 28.46
CA ASP A 72 28.68 -59.89 27.55
C ASP A 72 29.29 -60.17 26.18
N LEU A 73 28.62 -59.67 25.13
CA LEU A 73 29.11 -59.76 23.76
C LEU A 73 29.71 -58.45 23.29
N LYS A 74 30.26 -57.66 24.22
CA LYS A 74 30.82 -56.36 23.89
C LYS A 74 32.27 -56.52 23.41
N ASN A 75 32.56 -55.94 22.23
CA ASN A 75 33.91 -55.87 21.70
C ASN A 75 34.53 -57.26 21.52
N LEU A 76 33.76 -58.17 20.94
CA LEU A 76 34.23 -59.51 20.65
C LEU A 76 34.45 -59.68 19.16
N LEU A 77 35.42 -60.51 18.80
CA LEU A 77 35.55 -60.96 17.43
C LEU A 77 34.33 -61.80 17.06
N HIS A 78 34.04 -61.88 15.76
CA HIS A 78 32.90 -62.66 15.30
C HIS A 78 33.01 -64.10 15.76
N GLN A 79 34.22 -64.67 15.71
CA GLN A 79 34.40 -66.05 16.14
C GLN A 79 34.17 -66.20 17.64
N ASP A 80 34.60 -65.19 18.41
CA ASP A 80 34.40 -65.25 19.86
C ASP A 80 32.92 -65.20 20.22
N ALA A 81 32.11 -64.48 19.43
CA ALA A 81 30.67 -64.46 19.67
C ALA A 81 30.04 -65.80 19.30
N VAL A 82 30.44 -66.37 18.16
CA VAL A 82 29.89 -67.64 17.73
C VAL A 82 30.26 -68.75 18.70
N ASP A 83 31.50 -68.75 19.20
CA ASP A 83 31.93 -69.78 20.12
C ASP A 83 31.14 -69.76 21.42
N LEU A 84 30.66 -68.59 21.85
CA LEU A 84 29.82 -68.52 23.04
C LEU A 84 28.50 -69.24 22.84
N PHE A 85 27.95 -69.21 21.62
CA PHE A 85 26.73 -69.96 21.34
C PHE A 85 27.02 -71.44 21.21
N ARG A 86 28.19 -71.79 20.65
CA ARG A 86 28.52 -73.18 20.40
C ARG A 86 28.68 -73.98 21.68
N ASN A 87 29.03 -73.33 22.79
CA ASN A 87 29.31 -74.00 24.06
C ASN A 87 28.27 -73.69 25.12
N ALA A 88 27.08 -73.24 24.72
CA ALA A 88 26.12 -72.64 25.65
C ALA A 88 25.15 -73.64 26.28
N GLY A 89 25.11 -74.88 25.79
CA GLY A 89 24.15 -75.84 26.31
C GLY A 89 22.76 -75.62 25.73
N TYR A 90 21.83 -76.46 26.18
CA TYR A 90 20.49 -76.46 25.59
C TYR A 90 19.54 -75.43 26.18
N ALA A 91 19.84 -74.92 27.37
CA ALA A 91 19.05 -73.85 27.98
C ALA A 91 19.85 -72.56 27.86
N VAL A 92 19.48 -71.71 26.90
CA VAL A 92 20.23 -70.50 26.57
C VAL A 92 19.41 -69.29 27.00
N SER A 93 20.04 -68.39 27.75
CA SER A 93 19.41 -67.18 28.25
C SER A 93 20.03 -65.97 27.55
N LEU A 94 19.21 -65.24 26.79
CA LEU A 94 19.66 -64.09 26.03
C LEU A 94 19.16 -62.80 26.69
N ARG A 95 19.92 -61.73 26.51
CA ARG A 95 19.48 -60.37 26.83
C ARG A 95 19.66 -59.53 25.58
N VAL A 96 18.56 -59.18 24.93
CA VAL A 96 18.59 -58.54 23.63
C VAL A 96 18.15 -57.09 23.77
N GLN A 97 18.42 -56.30 22.73
CA GLN A 97 18.03 -54.90 22.65
C GLN A 97 17.20 -54.70 21.38
N HIS A 98 15.90 -54.48 21.56
CA HIS A 98 14.99 -54.24 20.41
C HIS A 98 15.26 -52.83 19.87
N ARG A 99 15.32 -52.71 18.55
CA ARG A 99 15.71 -51.41 17.98
C ARG A 99 14.67 -50.87 16.99
N LEU A 100 14.21 -49.72 17.08
CA LEU A 100 13.31 -49.10 16.08
C LEU A 100 14.15 -48.01 15.42
N GLN A 101 14.21 -47.90 14.17
CA GLN A 101 15.12 -47.00 13.43
C GLN A 101 14.44 -45.67 13.11
N VAL A 102 13.32 -45.36 13.75
CA VAL A 102 12.60 -44.11 13.37
C VAL A 102 13.47 -42.89 13.65
N GLN A 103 13.65 -42.05 12.64
CA GLN A 103 14.47 -40.82 12.76
C GLN A 103 14.04 -39.92 11.60
N GLY A 104 14.27 -38.61 11.68
CA GLY A 104 13.78 -37.72 10.62
C GLY A 104 12.27 -37.81 10.49
N SER A 105 11.76 -38.13 9.31
CA SER A 105 10.31 -38.32 9.13
C SER A 105 10.04 -39.73 8.62
N ALA A 106 8.85 -40.25 8.91
CA ALA A 106 8.46 -41.57 8.40
C ALA A 106 7.76 -41.42 7.05
N TYR A 107 7.56 -40.19 6.59
CA TYR A 107 6.83 -39.92 5.33
C TYR A 107 7.79 -39.49 4.23
N GLY A 108 9.09 -39.68 4.46
CA GLY A 108 10.11 -39.30 3.48
C GLY A 108 10.54 -40.44 2.59
N SER A 109 10.70 -40.18 1.29
CA SER A 109 11.18 -41.21 0.33
C SER A 109 12.63 -41.58 0.60
N VAL A 110 13.45 -40.59 0.92
CA VAL A 110 14.92 -40.83 1.08
C VAL A 110 15.22 -41.01 2.56
N LYS A 111 15.80 -42.16 2.89
CA LYS A 111 16.15 -42.45 4.30
C LYS A 111 17.68 -42.51 4.42
N ALA A 112 18.20 -42.51 5.63
CA ALA A 112 19.65 -42.65 5.86
C ALA A 112 20.13 -44.06 5.50
N TYR A 113 21.25 -44.18 4.77
CA TYR A 113 21.83 -45.47 4.42
C TYR A 113 22.46 -46.11 5.64
N THR A 114 22.14 -47.39 5.87
CA THR A 114 22.58 -48.07 7.08
C THR A 114 24.09 -48.31 7.07
N ASN A 115 24.59 -49.00 6.04
CA ASN A 115 26.01 -49.30 5.94
C ASN A 115 26.77 -48.08 5.43
N PHE A 116 26.64 -46.94 6.11
CA PHE A 116 27.19 -45.70 5.61
C PHE A 116 28.67 -45.58 5.95
N ASP A 117 29.47 -45.31 4.92
CA ASP A 117 30.90 -45.04 5.07
C ASP A 117 31.18 -43.79 4.24
N ALA A 118 31.38 -42.65 4.90
CA ALA A 118 31.53 -41.39 4.18
C ALA A 118 32.82 -41.37 3.36
N GLU A 119 33.84 -42.09 3.80
CA GLU A 119 35.12 -42.08 3.07
C GLU A 119 35.00 -42.86 1.76
N ARG A 120 34.38 -44.03 1.78
CA ARG A 120 34.26 -44.83 0.56
C ARG A 120 33.40 -44.11 -0.47
N ASP A 121 32.32 -43.45 -0.03
CA ASP A 121 31.46 -42.73 -0.97
C ASP A 121 32.21 -41.59 -1.62
N ALA A 122 32.91 -40.77 -0.82
CA ALA A 122 33.75 -39.72 -1.38
C ALA A 122 34.79 -40.30 -2.33
N LEU A 123 35.33 -41.47 -1.96
CA LEU A 123 36.27 -42.16 -2.85
C LEU A 123 35.61 -42.57 -4.15
N ASN A 124 34.43 -43.21 -4.06
CA ASN A 124 33.77 -43.71 -5.26
C ASN A 124 33.22 -42.59 -6.14
N ILE A 125 33.00 -41.42 -5.57
CA ILE A 125 32.52 -40.29 -6.40
C ILE A 125 33.73 -39.72 -7.13
N GLU A 126 34.91 -39.90 -6.55
CA GLU A 126 36.16 -39.46 -7.22
C GLU A 126 36.34 -40.38 -8.43
N THR A 127 36.33 -41.66 -8.16
CA THR A 127 36.46 -42.63 -9.26
C THR A 127 35.60 -42.17 -10.43
N ALA A 128 34.30 -42.00 -10.18
CA ALA A 128 33.31 -41.58 -11.19
C ALA A 128 33.71 -40.29 -11.88
N ILE A 129 34.06 -39.24 -11.13
CA ILE A 129 34.48 -37.97 -11.77
C ILE A 129 35.75 -38.23 -12.59
N LYS A 130 36.60 -39.15 -12.15
CA LYS A 130 37.91 -39.38 -12.83
C LYS A 130 37.79 -40.44 -13.92
N THR A 131 36.67 -41.17 -14.00
CA THR A 131 36.49 -42.11 -15.12
C THR A 131 36.27 -41.28 -16.38
N LYS A 132 36.56 -41.80 -17.55
CA LYS A 132 36.45 -41.01 -18.79
C LYS A 132 34.98 -40.96 -19.22
N GLY A 133 34.43 -39.79 -19.38
CA GLY A 133 33.00 -39.62 -19.71
C GLY A 133 32.16 -39.43 -18.47
N VAL A 134 32.71 -39.70 -17.28
CA VAL A 134 32.01 -39.50 -15.98
C VAL A 134 30.96 -40.58 -15.75
N ASP A 135 31.07 -41.36 -14.68
CA ASP A 135 30.01 -42.36 -14.34
C ASP A 135 28.92 -41.61 -13.58
N GLU A 136 28.07 -40.91 -14.19
CA GLU A 136 26.95 -40.17 -13.59
C GLU A 136 26.07 -41.14 -12.81
N VAL A 137 25.86 -42.37 -13.42
CA VAL A 137 24.94 -43.34 -12.77
C VAL A 137 25.45 -43.60 -11.36
N THR A 138 26.76 -43.73 -11.18
CA THR A 138 27.31 -44.04 -9.85
C THR A 138 27.16 -42.81 -8.97
N ILE A 139 27.37 -41.62 -9.52
CA ILE A 139 27.13 -40.43 -8.71
C ILE A 139 25.68 -40.36 -8.27
N VAL A 140 24.76 -40.72 -9.16
CA VAL A 140 23.33 -40.65 -8.84
C VAL A 140 22.94 -41.75 -7.87
N ASN A 141 23.47 -42.97 -8.08
CA ASN A 141 23.12 -44.09 -7.23
C ASN A 141 23.50 -43.86 -5.78
N ILE A 142 24.59 -43.12 -5.54
CA ILE A 142 25.00 -42.84 -4.17
C ILE A 142 24.21 -41.69 -3.58
N LEU A 143 24.26 -40.52 -4.24
CA LEU A 143 23.78 -39.29 -3.62
C LEU A 143 22.26 -39.24 -3.46
N THR A 144 21.53 -40.04 -4.21
CA THR A 144 20.05 -40.03 -4.07
C THR A 144 19.63 -41.10 -3.08
N ASN A 145 20.58 -41.91 -2.62
N ASN A 145 20.59 -41.89 -2.60
CA ASN A 145 20.27 -42.97 -1.64
CA ASN A 145 20.28 -43.00 -1.66
C ASN A 145 21.05 -42.73 -0.35
C ASN A 145 20.88 -42.71 -0.28
N ARG A 146 20.94 -41.71 0.08
CA ARG A 146 21.69 -41.16 1.25
C ARG A 146 20.96 -39.91 1.77
N SER A 147 20.86 -39.79 3.09
CA SER A 147 20.20 -38.65 3.71
C SER A 147 21.02 -37.38 3.51
N ASN A 148 20.36 -36.23 3.68
CA ASN A 148 21.04 -34.95 3.48
C ASN A 148 22.19 -34.78 4.47
N GLU A 149 22.06 -35.29 5.69
CA GLU A 149 23.16 -35.24 6.64
C GLU A 149 24.34 -36.08 6.15
N GLN A 150 24.05 -37.26 5.61
CA GLN A 150 25.12 -38.12 5.10
C GLN A 150 25.82 -37.47 3.91
N ARG A 151 25.06 -36.78 3.06
CA ARG A 151 25.68 -36.05 1.95
C ARG A 151 26.63 -34.98 2.46
N GLN A 152 26.36 -34.41 3.64
CA GLN A 152 27.29 -33.45 4.22
C GLN A 152 28.59 -34.13 4.64
N ASP A 153 28.49 -35.33 5.22
CA ASP A 153 29.70 -36.09 5.55
C ASP A 153 30.51 -36.40 4.30
N ILE A 154 29.83 -36.81 3.23
CA ILE A 154 30.53 -37.13 1.98
C ILE A 154 31.22 -35.90 1.42
N ALA A 155 30.60 -34.73 1.58
CA ALA A 155 31.23 -33.49 1.13
C ALA A 155 32.44 -33.13 1.98
N PHE A 156 32.42 -33.48 3.26
CA PHE A 156 33.57 -33.21 4.12
C PHE A 156 34.74 -34.12 3.76
N ALA A 157 34.48 -35.42 3.58
CA ALA A 157 35.55 -36.35 3.23
C ALA A 157 36.15 -36.01 1.88
N TYR A 158 35.31 -35.71 0.89
CA TYR A 158 35.80 -35.43 -0.45
C TYR A 158 36.71 -34.20 -0.48
N GLN A 159 36.45 -33.22 0.39
CA GLN A 159 37.31 -32.04 0.45
C GLN A 159 38.66 -32.39 1.03
N ARG A 160 38.69 -33.17 2.12
CA ARG A 160 39.95 -33.52 2.76
C ARG A 160 40.81 -34.38 1.85
N ARG A 161 40.18 -35.24 1.04
CA ARG A 161 40.94 -36.13 0.17
C ARG A 161 41.49 -35.41 -1.06
N THR A 162 40.72 -34.45 -1.60
CA THR A 162 41.04 -33.86 -2.90
C THR A 162 41.39 -32.38 -2.86
N LYS A 163 41.26 -31.72 -1.71
CA LYS A 163 41.45 -30.27 -1.58
C LYS A 163 40.50 -29.48 -2.48
N LYS A 164 39.45 -30.11 -2.99
CA LYS A 164 38.42 -29.45 -3.76
C LYS A 164 37.07 -29.70 -3.12
N GLU A 165 36.19 -28.71 -3.22
CA GLU A 165 34.81 -28.88 -2.76
C GLU A 165 34.09 -29.84 -3.69
N LEU A 166 33.40 -30.83 -3.11
CA LEU A 166 32.69 -31.82 -3.90
C LEU A 166 31.71 -31.16 -4.87
N ALA A 167 31.05 -30.09 -4.43
CA ALA A 167 30.07 -29.41 -5.27
C ALA A 167 30.75 -28.75 -6.47
N SER A 168 31.91 -28.11 -6.25
CA SER A 168 32.62 -27.49 -7.36
C SER A 168 33.11 -28.53 -8.36
N ALA A 169 33.48 -29.72 -7.89
CA ALA A 169 33.90 -30.79 -8.78
C ALA A 169 32.74 -31.28 -9.63
N LEU A 170 31.60 -31.59 -8.99
CA LEU A 170 30.43 -32.01 -9.74
C LEU A 170 29.89 -30.89 -10.62
N LYS A 171 30.07 -29.63 -10.20
CA LYS A 171 29.66 -28.51 -11.04
C LYS A 171 30.39 -28.52 -12.38
N SER A 172 31.58 -29.12 -12.43
CA SER A 172 32.32 -29.26 -13.68
C SER A 172 32.08 -30.61 -14.34
N ALA A 173 31.81 -31.65 -13.58
CA ALA A 173 31.63 -33.00 -14.12
C ALA A 173 30.20 -33.29 -14.53
N LEU A 174 29.28 -32.34 -14.38
CA LEU A 174 27.88 -32.54 -14.71
C LEU A 174 27.38 -31.33 -15.52
N SER A 175 26.17 -31.45 -16.04
CA SER A 175 25.59 -30.41 -16.88
C SER A 175 24.08 -30.62 -16.97
N GLY A 176 23.40 -29.57 -17.43
CA GLY A 176 21.98 -29.66 -17.68
C GLY A 176 21.14 -29.82 -16.43
N HIS A 177 19.99 -30.47 -16.60
CA HIS A 177 19.05 -30.65 -15.49
C HIS A 177 19.63 -31.56 -14.41
N LEU A 178 20.43 -32.55 -14.77
CA LEU A 178 21.00 -33.45 -13.77
C LEU A 178 21.92 -32.71 -12.83
N GLU A 179 22.74 -31.79 -13.36
CA GLU A 179 23.59 -30.98 -12.50
C GLU A 179 22.78 -30.20 -11.47
N THR A 180 21.66 -29.63 -11.90
CA THR A 180 20.81 -28.88 -10.99
C THR A 180 20.32 -29.74 -9.83
N VAL A 181 19.95 -30.99 -10.11
CA VAL A 181 19.44 -31.87 -9.07
C VAL A 181 20.54 -32.18 -8.06
N ILE A 182 21.69 -32.65 -8.55
CA ILE A 182 22.76 -33.10 -7.66
C ILE A 182 23.29 -31.94 -6.83
N LEU A 183 23.45 -30.77 -7.46
CA LEU A 183 23.88 -29.60 -6.71
C LEU A 183 22.87 -29.21 -5.63
N GLY A 184 21.58 -29.35 -5.95
CA GLY A 184 20.56 -29.09 -4.95
C GLY A 184 20.62 -30.06 -3.79
N LEU A 185 20.84 -31.35 -4.08
CA LEU A 185 20.90 -32.36 -3.03
C LEU A 185 22.07 -32.14 -2.08
N LEU A 186 23.14 -31.51 -2.57
CA LEU A 186 24.32 -31.31 -1.74
C LEU A 186 24.13 -30.20 -0.72
N LYS A 187 23.35 -29.19 -1.03
CA LYS A 187 23.08 -28.12 -0.08
C LYS A 187 22.20 -28.64 1.06
N THR A 188 22.39 -28.05 2.24
CA THR A 188 21.48 -28.31 3.35
C THR A 188 20.09 -27.78 3.01
N PRO A 189 19.06 -28.24 3.73
CA PRO A 189 17.71 -27.70 3.47
C PRO A 189 17.63 -26.19 3.53
N ALA A 190 18.30 -25.57 4.50
CA ALA A 190 18.26 -24.12 4.63
C ALA A 190 19.03 -23.43 3.50
N GLN A 191 20.23 -23.95 3.19
CA GLN A 191 21.02 -23.38 2.11
C GLN A 191 20.28 -23.46 0.78
N TYR A 192 19.64 -24.60 0.50
CA TYR A 192 18.92 -24.78 -0.75
C TYR A 192 17.74 -23.82 -0.85
N ASP A 193 16.93 -23.74 0.21
CA ASP A 193 15.81 -22.81 0.22
C ASP A 193 16.29 -21.36 0.09
N ALA A 194 17.38 -21.03 0.78
CA ALA A 194 17.90 -19.66 0.71
C ALA A 194 18.31 -19.30 -0.72
N SER A 195 19.06 -20.19 -1.37
CA SER A 195 19.51 -19.91 -2.73
C SER A 195 18.34 -19.93 -3.72
N GLU A 196 17.39 -20.84 -3.53
CA GLU A 196 16.19 -20.84 -4.37
C GLU A 196 15.41 -19.54 -4.19
N LEU A 197 15.31 -19.06 -2.95
CA LEU A 197 14.65 -17.77 -2.72
C LEU A 197 15.44 -16.64 -3.36
N LYS A 198 16.77 -16.67 -3.25
CA LYS A 198 17.59 -15.65 -3.88
C LYS A 198 17.42 -15.65 -5.40
N ALA A 199 17.32 -16.84 -5.99
CA ALA A 199 17.21 -16.94 -7.44
C ALA A 199 15.88 -16.40 -7.94
N SER A 200 14.81 -16.51 -7.15
CA SER A 200 13.51 -16.00 -7.57
C SER A 200 13.42 -14.48 -7.46
N MET A 201 14.31 -13.86 -6.70
CA MET A 201 14.23 -12.39 -6.52
C MET A 201 15.35 -11.74 -7.30
N LYS A 202 16.37 -12.51 -7.68
CA LYS A 202 17.52 -11.99 -8.46
C LYS A 202 16.99 -11.47 -9.78
N GLY A 203 17.27 -10.21 -10.09
CA GLY A 203 16.72 -9.61 -11.33
C GLY A 203 15.50 -8.77 -11.05
N LEU A 204 15.43 -7.58 -11.65
CA LEU A 204 14.19 -6.76 -11.54
C LEU A 204 13.11 -7.65 -12.15
N GLY A 205 12.11 -8.04 -11.38
CA GLY A 205 11.14 -9.01 -11.93
C GLY A 205 11.24 -10.25 -11.11
N THR A 206 10.25 -10.48 -10.28
CA THR A 206 10.38 -11.60 -9.33
C THR A 206 9.65 -12.83 -9.83
N ASP A 207 10.23 -14.00 -9.62
CA ASP A 207 9.52 -15.27 -9.80
C ASP A 207 8.63 -15.46 -8.57
N GLU A 208 7.50 -14.77 -8.59
CA GLU A 208 6.57 -14.85 -7.46
C GLU A 208 6.08 -16.27 -7.25
N ASP A 209 5.98 -17.06 -8.33
CA ASP A 209 5.53 -18.44 -8.20
C ASP A 209 6.41 -19.23 -7.23
N SER A 210 7.73 -19.20 -7.46
CA SER A 210 8.64 -19.90 -6.55
C SER A 210 8.69 -19.22 -5.19
N LEU A 211 8.66 -17.89 -5.16
CA LEU A 211 8.66 -17.17 -3.90
C LEU A 211 7.45 -17.53 -3.05
N ILE A 212 6.28 -17.60 -3.66
CA ILE A 212 5.07 -17.97 -2.94
C ILE A 212 5.19 -19.40 -2.42
N GLU A 213 5.62 -20.33 -3.29
CA GLU A 213 5.66 -21.74 -2.92
C GLU A 213 6.52 -21.98 -1.68
N ILE A 214 7.70 -21.38 -1.63
CA ILE A 214 8.61 -21.62 -0.52
C ILE A 214 8.10 -20.94 0.75
N ILE A 215 7.80 -19.64 0.66
CA ILE A 215 7.39 -18.87 1.83
C ILE A 215 6.09 -19.42 2.43
N CYS A 216 5.19 -19.92 1.58
CA CYS A 216 3.90 -20.40 2.09
C CYS A 216 4.00 -21.80 2.69
N SER A 217 4.95 -22.63 2.25
CA SER A 217 4.97 -24.03 2.63
C SER A 217 5.94 -24.36 3.75
N ARG A 218 6.77 -23.40 4.17
CA ARG A 218 7.80 -23.67 5.18
C ARG A 218 7.27 -23.38 6.58
N THR A 219 7.75 -24.17 7.54
CA THR A 219 7.34 -24.03 8.92
C THR A 219 8.18 -22.96 9.62
N ASN A 220 7.75 -22.59 10.83
CA ASN A 220 8.51 -21.65 11.65
C ASN A 220 9.95 -22.08 11.80
N GLN A 221 10.16 -23.35 12.14
CA GLN A 221 11.51 -23.88 12.33
C GLN A 221 12.34 -23.74 11.06
N GLU A 222 11.75 -24.05 9.91
CA GLU A 222 12.50 -23.99 8.66
C GLU A 222 12.78 -22.55 8.25
N LEU A 223 11.81 -21.65 8.43
CA LEU A 223 12.00 -20.26 8.04
C LEU A 223 13.01 -19.56 8.93
N GLN A 224 12.99 -19.85 10.23
CA GLN A 224 13.99 -19.30 11.15
C GLN A 224 15.39 -19.67 10.70
N GLU A 225 15.58 -20.92 10.27
CA GLU A 225 16.89 -21.36 9.78
C GLU A 225 17.23 -20.71 8.45
N ILE A 226 16.24 -20.63 7.55
CA ILE A 226 16.46 -19.98 6.26
C ILE A 226 16.88 -18.53 6.45
N ASN A 227 16.24 -17.83 7.39
CA ASN A 227 16.59 -16.43 7.65
C ASN A 227 18.03 -16.30 8.11
N ARG A 228 18.49 -17.23 8.95
CA ARG A 228 19.87 -17.17 9.43
C ARG A 228 20.86 -17.45 8.30
N VAL A 229 20.62 -18.51 7.54
CA VAL A 229 21.57 -18.92 6.50
C VAL A 229 21.55 -17.93 5.33
N TYR A 230 20.38 -17.38 5.01
CA TYR A 230 20.29 -16.39 3.94
C TYR A 230 21.18 -15.19 4.24
N LYS A 231 21.17 -14.71 5.48
CA LYS A 231 21.99 -13.56 5.84
C LYS A 231 23.48 -13.92 5.82
N GLU A 232 23.81 -15.15 6.21
CA GLU A 232 25.21 -15.58 6.14
C GLU A 232 25.68 -15.65 4.69
N MET A 233 24.83 -16.15 3.79
CA MET A 233 25.25 -16.36 2.41
C MET A 233 25.29 -15.06 1.61
N TYR A 234 24.28 -14.21 1.77
CA TYR A 234 24.10 -13.05 0.91
C TYR A 234 24.29 -11.73 1.63
N LYS A 235 24.76 -11.75 2.87
CA LYS A 235 25.12 -10.54 3.64
C LYS A 235 23.97 -9.55 3.74
N THR A 236 22.74 -10.02 3.59
CA THR A 236 21.57 -9.16 3.73
C THR A 236 20.42 -10.01 4.26
N ASP A 237 19.41 -9.32 4.80
CA ASP A 237 18.26 -10.01 5.38
C ASP A 237 17.26 -10.38 4.30
N LEU A 238 16.71 -11.60 4.42
CA LEU A 238 15.69 -12.05 3.47
C LEU A 238 14.49 -11.11 3.46
N GLU A 239 14.10 -10.60 4.63
CA GLU A 239 12.98 -9.67 4.69
C GLU A 239 13.24 -8.43 3.85
N LYS A 240 14.49 -7.94 3.85
CA LYS A 240 14.80 -6.75 3.08
C LYS A 240 14.71 -7.01 1.57
N ASP A 241 15.18 -8.17 1.14
CA ASP A 241 15.12 -8.50 -0.31
C ASP A 241 13.66 -8.64 -0.75
N ILE A 242 12.79 -9.18 0.11
CA ILE A 242 11.36 -9.33 -0.23
C ILE A 242 10.75 -7.94 -0.38
N ILE A 243 10.97 -7.06 0.58
CA ILE A 243 10.43 -5.67 0.53
C ILE A 243 10.85 -5.02 -0.79
N SER A 244 12.07 -5.27 -1.25
CA SER A 244 12.59 -4.65 -2.49
C SER A 244 11.93 -5.26 -3.73
N ASP A 245 11.67 -6.56 -3.74
CA ASP A 245 11.15 -7.21 -4.97
C ASP A 245 9.62 -7.27 -4.99
N THR A 246 8.98 -6.90 -3.89
CA THR A 246 7.50 -6.98 -3.81
C THR A 246 6.92 -5.62 -3.44
N SER A 247 5.59 -5.51 -3.46
CA SER A 247 4.88 -4.29 -3.07
C SER A 247 3.44 -4.65 -2.76
N GLY A 248 2.71 -3.67 -2.25
CA GLY A 248 1.30 -3.84 -1.95
C GLY A 248 1.05 -4.83 -0.81
N ASP A 249 -0.20 -5.28 -0.73
CA ASP A 249 -0.57 -6.25 0.29
C ASP A 249 0.13 -7.58 0.07
N PHE A 250 0.52 -7.89 -1.17
CA PHE A 250 1.35 -9.06 -1.42
C PHE A 250 2.66 -8.98 -0.65
N ARG A 251 3.23 -7.78 -0.55
CA ARG A 251 4.43 -7.59 0.25
C ARG A 251 4.16 -7.85 1.73
N LYS A 252 3.07 -7.27 2.25
CA LYS A 252 2.70 -7.48 3.65
C LYS A 252 2.58 -8.97 3.97
N LEU A 253 1.88 -9.70 3.10
CA LEU A 253 1.66 -11.12 3.34
C LEU A 253 2.98 -11.89 3.34
N MET A 254 3.82 -11.67 2.34
CA MET A 254 5.08 -12.40 2.25
C MET A 254 6.01 -12.05 3.40
N VAL A 255 6.03 -10.78 3.82
CA VAL A 255 6.89 -10.39 4.93
C VAL A 255 6.43 -11.03 6.23
N ALA A 256 5.11 -11.04 6.47
CA ALA A 256 4.59 -11.66 7.69
C ALA A 256 4.86 -13.15 7.71
N LEU A 257 4.73 -13.81 6.56
CA LEU A 257 4.96 -15.26 6.50
C LEU A 257 6.43 -15.60 6.68
N ALA A 258 7.32 -14.86 6.02
CA ALA A 258 8.75 -15.16 6.08
C ALA A 258 9.33 -14.93 7.47
N LYS A 259 8.63 -14.20 8.35
CA LYS A 259 9.13 -14.00 9.70
C LYS A 259 9.16 -15.29 10.50
N GLY A 260 8.30 -16.25 10.14
CA GLY A 260 8.26 -17.52 10.84
C GLY A 260 7.94 -17.40 12.31
N ARG A 261 7.09 -16.44 12.69
CA ARG A 261 6.67 -16.26 14.08
C ARG A 261 5.23 -16.69 14.28
N ARG A 262 4.78 -17.72 13.57
CA ARG A 262 3.40 -18.24 13.70
C ARG A 262 3.22 -18.91 15.07
N ALA A 263 2.04 -18.78 15.65
CA ALA A 263 1.76 -19.45 16.93
C ALA A 263 2.04 -20.94 16.82
N GLU A 264 2.65 -21.52 17.86
CA GLU A 264 2.98 -22.97 17.88
C GLU A 264 1.71 -23.77 18.22
N ASP A 265 1.43 -24.96 17.86
N ASP A 265 1.43 -24.89 17.81
CA ASP A 265 0.19 -25.74 18.14
CA ASP A 265 0.21 -25.66 18.16
C ASP A 265 0.08 -25.95 19.65
C ASP A 265 0.15 -25.86 19.68
N GLY A 266 -0.87 -25.27 20.30
CA GLY A 266 -1.00 -25.53 21.75
C GLY A 266 -1.72 -26.84 22.04
N SER A 267 -1.71 -27.28 23.29
CA SER A 267 -2.38 -28.55 23.69
C SER A 267 -3.89 -28.33 23.69
N VAL A 268 -4.32 -27.11 24.01
CA VAL A 268 -5.77 -26.83 24.12
C VAL A 268 -6.31 -26.25 22.83
N ILE A 269 -7.34 -26.86 22.26
CA ILE A 269 -8.01 -26.31 21.08
C ILE A 269 -8.90 -25.17 21.52
N ASP A 270 -8.70 -23.99 20.92
CA ASP A 270 -9.43 -22.79 21.30
C ASP A 270 -10.64 -22.64 20.38
N TYR A 271 -11.71 -23.35 20.72
CA TYR A 271 -12.92 -23.32 19.90
C TYR A 271 -13.52 -21.93 19.84
N GLU A 272 -13.46 -21.19 20.96
CA GLU A 272 -13.98 -19.83 20.97
C GLU A 272 -13.26 -18.95 19.97
N LEU A 273 -11.93 -19.02 19.94
CA LEU A 273 -11.16 -18.24 18.99
C LEU A 273 -11.38 -18.74 17.56
N ILE A 274 -11.52 -20.06 17.40
CA ILE A 274 -11.82 -20.63 16.08
C ILE A 274 -13.07 -19.99 15.48
N ASP A 275 -14.12 -19.84 16.30
CA ASP A 275 -15.35 -19.24 15.81
C ASP A 275 -15.17 -17.74 15.56
N GLN A 276 -14.53 -17.03 16.46
CA GLN A 276 -14.28 -15.59 16.23
C GLN A 276 -13.50 -15.35 14.93
N ASP A 277 -12.46 -16.13 14.68
CA ASP A 277 -11.62 -15.96 13.48
C ASP A 277 -12.42 -16.31 12.23
N ALA A 278 -13.28 -17.32 12.34
CA ALA A 278 -14.13 -17.62 11.20
C ALA A 278 -15.10 -16.46 10.93
N ARG A 279 -15.57 -15.81 11.98
CA ARG A 279 -16.49 -14.68 11.80
C ARG A 279 -15.72 -13.50 11.22
N ASP A 280 -14.49 -13.27 11.72
CA ASP A 280 -13.64 -12.13 11.26
C ASP A 280 -13.35 -12.28 9.77
N LEU A 281 -12.88 -13.45 9.35
CA LEU A 281 -12.57 -13.68 7.93
C LEU A 281 -13.77 -13.39 7.05
N TYR A 282 -14.97 -13.71 7.54
CA TYR A 282 -16.18 -13.44 6.77
C TYR A 282 -16.51 -11.96 6.75
N ASP A 283 -16.39 -11.30 7.90
CA ASP A 283 -16.67 -9.85 8.00
C ASP A 283 -15.71 -9.09 7.09
N ALA A 284 -14.43 -9.45 7.09
CA ALA A 284 -13.42 -8.71 6.33
C ALA A 284 -13.57 -8.88 4.82
N GLY A 285 -14.19 -9.97 4.36
CA GLY A 285 -14.25 -10.22 2.94
C GLY A 285 -15.63 -10.26 2.31
N VAL A 286 -16.20 -11.46 2.20
CA VAL A 286 -17.40 -11.67 1.40
C VAL A 286 -18.58 -10.86 1.94
N LYS A 287 -18.63 -10.61 3.24
CA LYS A 287 -19.81 -9.96 3.82
C LYS A 287 -19.86 -8.47 3.51
N ARG A 288 -18.67 -7.89 3.27
CA ARG A 288 -18.60 -6.44 3.06
C ARG A 288 -18.20 -6.09 1.64
N LYS A 289 -18.41 -4.83 1.25
CA LYS A 289 -17.86 -4.35 0.00
C LYS A 289 -16.37 -4.07 0.17
N GLY A 290 -15.58 -4.53 -0.78
CA GLY A 290 -14.14 -4.47 -0.63
C GLY A 290 -13.63 -5.62 0.23
N THR A 291 -12.41 -5.47 0.72
CA THR A 291 -11.81 -6.49 1.58
C THR A 291 -10.86 -5.82 2.56
N ASP A 292 -11.04 -6.12 3.85
CA ASP A 292 -10.07 -5.71 4.88
C ASP A 292 -8.92 -6.71 4.83
N VAL A 293 -8.00 -6.47 3.89
CA VAL A 293 -6.91 -7.42 3.66
C VAL A 293 -6.01 -7.58 4.88
N PRO A 294 -5.62 -6.52 5.60
CA PRO A 294 -4.81 -6.74 6.81
C PRO A 294 -5.43 -7.67 7.83
N LYS A 295 -6.76 -7.68 7.95
CA LYS A 295 -7.42 -8.64 8.85
C LYS A 295 -7.21 -10.06 8.38
N TRP A 296 -7.29 -10.29 7.06
CA TRP A 296 -7.00 -11.63 6.53
C TRP A 296 -5.56 -12.02 6.80
N ILE A 297 -4.62 -11.08 6.61
CA ILE A 297 -3.20 -11.40 6.75
C ILE A 297 -2.88 -11.81 8.18
N SER A 298 -3.38 -11.05 9.16
CA SER A 298 -3.03 -11.32 10.54
C SER A 298 -3.56 -12.68 11.01
N ILE A 299 -4.79 -13.02 10.64
CA ILE A 299 -5.36 -14.28 11.08
C ILE A 299 -4.63 -15.46 10.43
N MET A 300 -4.41 -15.39 9.11
CA MET A 300 -3.83 -16.51 8.40
C MET A 300 -2.31 -16.63 8.57
N THR A 301 -1.65 -15.62 9.14
CA THR A 301 -0.23 -15.75 9.42
C THR A 301 0.09 -16.00 10.89
N GLU A 302 -0.77 -15.56 11.80
CA GLU A 302 -0.46 -15.67 13.23
C GLU A 302 -0.96 -16.97 13.84
N ARG A 303 -2.15 -17.43 13.48
CA ARG A 303 -2.72 -18.62 14.10
C ARG A 303 -1.98 -19.88 13.64
N SER A 304 -2.03 -20.91 14.49
CA SER A 304 -1.37 -22.17 14.19
C SER A 304 -2.11 -22.91 13.08
N VAL A 305 -1.39 -23.84 12.43
CA VAL A 305 -1.99 -24.60 11.33
C VAL A 305 -3.19 -25.42 11.78
N PRO A 306 -3.11 -26.24 12.85
CA PRO A 306 -4.32 -26.97 13.27
C PRO A 306 -5.49 -26.05 13.60
N HIS A 307 -5.21 -24.90 14.22
CA HIS A 307 -6.26 -23.93 14.51
C HIS A 307 -6.91 -23.43 13.22
N LEU A 308 -6.10 -23.04 12.24
CA LEU A 308 -6.64 -22.47 11.01
C LEU A 308 -7.40 -23.51 10.18
N GLN A 309 -6.99 -24.78 10.26
CA GLN A 309 -7.75 -25.84 9.60
C GLN A 309 -9.19 -25.85 10.08
N LYS A 310 -9.37 -25.74 11.40
CA LYS A 310 -10.72 -25.70 11.96
C LYS A 310 -11.40 -24.36 11.68
N VAL A 311 -10.62 -23.27 11.59
CA VAL A 311 -11.21 -21.98 11.25
C VAL A 311 -11.83 -22.03 9.87
N PHE A 312 -11.14 -22.65 8.90
CA PHE A 312 -11.65 -22.71 7.54
C PHE A 312 -12.92 -23.55 7.46
N ASP A 313 -13.08 -24.55 8.32
CA ASP A 313 -14.32 -25.31 8.32
C ASP A 313 -15.44 -24.55 9.03
N ARG A 314 -15.13 -23.94 10.18
CA ARG A 314 -16.13 -23.10 10.85
C ARG A 314 -16.55 -21.93 9.97
N TYR A 315 -15.64 -21.46 9.10
CA TYR A 315 -15.97 -20.39 8.18
C TYR A 315 -17.10 -20.79 7.23
N LYS A 316 -17.14 -22.07 6.84
CA LYS A 316 -18.20 -22.52 5.95
C LYS A 316 -19.57 -22.48 6.59
N SER A 317 -19.67 -22.33 7.92
CA SER A 317 -21.00 -22.22 8.57
C SER A 317 -21.59 -20.83 8.35
N TYR A 318 -20.75 -19.83 8.14
CA TYR A 318 -21.23 -18.46 7.99
C TYR A 318 -21.33 -18.01 6.54
N SER A 319 -20.37 -18.41 5.70
CA SER A 319 -20.20 -17.97 4.32
C SER A 319 -20.76 -19.00 3.34
N PRO A 320 -21.45 -18.54 2.29
CA PRO A 320 -21.92 -19.47 1.26
C PRO A 320 -20.81 -20.02 0.38
N TYR A 321 -19.59 -19.51 0.51
CA TYR A 321 -18.43 -20.03 -0.22
C TYR A 321 -17.35 -20.41 0.78
N ASP A 322 -16.53 -21.40 0.42
CA ASP A 322 -15.43 -21.77 1.28
C ASP A 322 -14.30 -20.76 1.14
N MET A 323 -13.18 -21.01 1.85
CA MET A 323 -12.11 -20.03 1.88
C MET A 323 -11.49 -19.82 0.51
N LEU A 324 -11.25 -20.91 -0.23
CA LEU A 324 -10.61 -20.80 -1.54
C LEU A 324 -11.48 -20.01 -2.52
N GLU A 325 -12.83 -20.42 -2.53
CA GLU A 325 -13.74 -19.63 -3.40
C GLU A 325 -13.82 -18.18 -2.93
N SER A 326 -13.80 -17.93 -1.68
CA SER A 326 -13.88 -16.56 -1.19
C SER A 326 -12.67 -15.74 -1.63
N ILE A 327 -11.48 -16.34 -1.63
CA ILE A 327 -10.28 -15.64 -2.05
C ILE A 327 -10.38 -15.26 -3.53
N ARG A 328 -10.83 -16.19 -4.36
CA ARG A 328 -10.96 -15.93 -5.79
C ARG A 328 -11.96 -14.80 -6.06
N LYS A 329 -12.94 -14.62 -5.17
CA LYS A 329 -13.95 -13.59 -5.35
C LYS A 329 -13.57 -12.26 -4.73
N GLU A 330 -12.53 -12.21 -3.89
CA GLU A 330 -12.20 -11.02 -3.13
C GLU A 330 -10.98 -10.28 -3.64
N VAL A 331 -9.92 -10.99 -4.01
CA VAL A 331 -8.66 -10.36 -4.42
C VAL A 331 -8.18 -10.98 -5.72
N LYS A 332 -7.19 -10.34 -6.33
CA LYS A 332 -6.63 -10.77 -7.61
C LYS A 332 -5.13 -10.59 -7.59
N GLY A 333 -4.47 -11.05 -8.67
CA GLY A 333 -3.06 -10.83 -8.84
C GLY A 333 -2.20 -11.71 -7.94
N ASP A 334 -1.02 -11.19 -7.60
CA ASP A 334 -0.11 -11.90 -6.72
C ASP A 334 -0.74 -12.19 -5.36
N LEU A 335 -1.53 -11.23 -4.85
CA LEU A 335 -2.16 -11.41 -3.55
C LEU A 335 -3.10 -12.62 -3.55
N GLU A 336 -3.92 -12.74 -4.59
CA GLU A 336 -4.79 -13.90 -4.71
C GLU A 336 -3.99 -15.19 -4.82
N ASN A 337 -2.93 -15.18 -5.62
CA ASN A 337 -2.08 -16.36 -5.76
C ASN A 337 -1.50 -16.78 -4.43
N ALA A 338 -1.08 -15.81 -3.61
CA ALA A 338 -0.44 -16.11 -2.34
C ALA A 338 -1.44 -16.69 -1.34
N PHE A 339 -2.62 -16.09 -1.25
CA PHE A 339 -3.64 -16.60 -0.34
C PHE A 339 -4.07 -18.01 -0.72
N LEU A 340 -4.28 -18.25 -2.02
CA LEU A 340 -4.69 -19.58 -2.48
C LEU A 340 -3.63 -20.63 -2.13
N ASN A 341 -2.35 -20.30 -2.32
CA ASN A 341 -1.29 -21.23 -1.97
C ASN A 341 -1.23 -21.46 -0.46
N LEU A 342 -1.31 -20.38 0.32
CA LEU A 342 -1.21 -20.49 1.77
C LEU A 342 -2.31 -21.37 2.35
N VAL A 343 -3.54 -21.20 1.85
CA VAL A 343 -4.66 -21.99 2.37
C VAL A 343 -4.48 -23.46 2.01
N GLN A 344 -3.97 -23.74 0.82
CA GLN A 344 -3.73 -25.14 0.43
C GLN A 344 -2.66 -25.78 1.32
N CYS A 345 -1.62 -25.02 1.65
CA CYS A 345 -0.58 -25.53 2.54
C CYS A 345 -1.13 -25.81 3.93
N ILE A 346 -2.04 -24.94 4.40
CA ILE A 346 -2.66 -25.16 5.70
C ILE A 346 -3.57 -26.38 5.66
N GLN A 347 -4.38 -26.50 4.61
CA GLN A 347 -5.39 -27.56 4.55
C GLN A 347 -4.75 -28.92 4.30
N ASN A 348 -3.90 -29.02 3.28
CA ASN A 348 -3.31 -30.31 2.90
C ASN A 348 -2.03 -30.01 2.11
N LYS A 349 -0.90 -29.93 2.83
CA LYS A 349 0.36 -29.59 2.18
C LYS A 349 0.84 -30.67 1.22
N PRO A 350 0.73 -31.98 1.54
CA PRO A 350 1.08 -32.98 0.54
C PRO A 350 0.28 -32.87 -0.75
N LEU A 351 -1.03 -32.64 -0.66
CA LEU A 351 -1.83 -32.45 -1.86
C LEU A 351 -1.41 -31.19 -2.61
N TYR A 352 -1.02 -30.14 -1.87
CA TYR A 352 -0.54 -28.93 -2.50
C TYR A 352 0.68 -29.20 -3.37
N PHE A 353 1.63 -29.98 -2.85
CA PHE A 353 2.82 -30.30 -3.61
C PHE A 353 2.49 -31.28 -4.74
N ALA A 354 1.55 -32.19 -4.53
CA ALA A 354 1.10 -33.06 -5.60
C ALA A 354 0.55 -32.25 -6.76
N ASP A 355 -0.25 -31.23 -6.46
CA ASP A 355 -0.82 -30.39 -7.50
C ASP A 355 0.24 -29.59 -8.24
N ARG A 356 1.25 -29.08 -7.51
CA ARG A 356 2.30 -28.32 -8.16
C ARG A 356 3.20 -29.23 -9.00
N LEU A 357 3.42 -30.46 -8.54
CA LEU A 357 4.13 -31.44 -9.36
C LEU A 357 3.38 -31.71 -10.65
N TYR A 358 2.08 -31.96 -10.55
CA TYR A 358 1.29 -32.23 -11.75
C TYR A 358 1.29 -31.05 -12.70
N ASP A 359 1.13 -29.83 -12.17
CA ASP A 359 1.13 -28.65 -13.02
C ASP A 359 2.48 -28.43 -13.70
N SER A 360 3.57 -28.85 -13.06
CA SER A 360 4.88 -28.68 -13.67
C SER A 360 5.14 -29.65 -14.82
N MET A 361 4.28 -30.64 -15.00
CA MET A 361 4.54 -31.68 -16.03
C MET A 361 3.34 -31.90 -16.96
N LYS A 362 2.15 -31.45 -16.61
CA LYS A 362 0.92 -31.78 -17.38
C LYS A 362 0.97 -31.43 -18.87
N GLY A 363 1.48 -30.26 -19.23
CA GLY A 363 1.41 -29.84 -20.63
C GLY A 363 2.72 -29.81 -21.35
N LYS A 364 2.87 -28.86 -22.26
CA LYS A 364 4.09 -28.80 -23.08
C LYS A 364 5.32 -28.61 -22.22
N GLY A 365 6.29 -29.48 -22.39
CA GLY A 365 7.55 -29.33 -21.68
C GLY A 365 7.44 -29.58 -20.22
N THR A 366 8.41 -29.07 -19.48
CA THR A 366 8.45 -29.30 -18.03
C THR A 366 8.96 -28.07 -17.31
N ARG A 367 8.23 -27.61 -16.32
CA ARG A 367 8.74 -26.58 -15.41
C ARG A 367 9.74 -27.26 -14.48
N ASP A 368 10.95 -27.48 -15.01
CA ASP A 368 11.96 -28.22 -14.27
C ASP A 368 12.31 -27.54 -12.96
N LYS A 369 12.25 -26.22 -12.92
CA LYS A 369 12.61 -25.50 -11.70
C LYS A 369 11.66 -25.83 -10.56
N VAL A 370 10.39 -26.05 -10.88
CA VAL A 370 9.42 -26.45 -9.86
C VAL A 370 9.55 -27.94 -9.54
N LEU A 371 9.63 -28.77 -10.59
CA LEU A 371 9.73 -30.21 -10.38
C LEU A 371 10.97 -30.57 -9.56
N ILE A 372 12.11 -29.96 -9.90
CA ILE A 372 13.35 -30.29 -9.21
C ILE A 372 13.30 -29.84 -7.76
N ARG A 373 12.84 -28.61 -7.51
CA ARG A 373 12.85 -28.08 -6.15
C ARG A 373 11.97 -28.92 -5.22
N ILE A 374 10.82 -29.37 -5.70
CA ILE A 374 9.93 -30.16 -4.86
C ILE A 374 10.54 -31.53 -4.57
N MET A 375 11.00 -32.22 -5.61
CA MET A 375 11.60 -33.54 -5.41
C MET A 375 12.81 -33.48 -4.49
N VAL A 376 13.56 -32.39 -4.53
CA VAL A 376 14.72 -32.24 -3.65
C VAL A 376 14.26 -31.93 -2.22
N SER A 377 13.45 -30.89 -2.06
CA SER A 377 13.16 -30.34 -0.74
C SER A 377 12.11 -31.13 0.04
N ARG A 378 11.40 -32.05 -0.60
CA ARG A 378 10.37 -32.83 0.09
C ARG A 378 10.70 -34.31 0.16
N SER A 379 11.82 -34.74 -0.43
CA SER A 379 12.17 -36.16 -0.43
C SER A 379 12.39 -36.70 0.96
N GLU A 380 12.75 -35.83 1.91
CA GLU A 380 12.99 -36.24 3.30
C GLU A 380 11.93 -35.69 4.25
N VAL A 381 10.81 -35.21 3.75
CA VAL A 381 9.76 -34.66 4.61
C VAL A 381 8.48 -35.45 4.46
N ASP A 382 7.80 -35.31 3.31
CA ASP A 382 6.47 -35.89 3.15
C ASP A 382 6.26 -36.48 1.75
N MET A 383 7.34 -36.95 1.11
CA MET A 383 7.22 -37.43 -0.27
C MET A 383 6.27 -38.60 -0.39
N LEU A 384 6.20 -39.45 0.63
CA LEU A 384 5.29 -40.60 0.57
C LEU A 384 3.83 -40.17 0.70
N LYS A 385 3.56 -39.10 1.46
CA LYS A 385 2.22 -38.54 1.48
C LYS A 385 1.89 -37.83 0.17
N ILE A 386 2.87 -37.15 -0.42
CA ILE A 386 2.67 -36.51 -1.71
C ILE A 386 2.30 -37.56 -2.76
N ARG A 387 3.05 -38.67 -2.79
CA ARG A 387 2.77 -39.73 -3.76
C ARG A 387 1.39 -40.33 -3.52
N SER A 388 0.99 -40.47 -2.26
CA SER A 388 -0.33 -41.02 -1.95
C SER A 388 -1.44 -40.09 -2.44
N GLU A 389 -1.30 -38.79 -2.21
CA GLU A 389 -2.29 -37.83 -2.70
C GLU A 389 -2.27 -37.77 -4.22
N PHE A 390 -1.08 -37.83 -4.82
CA PHE A 390 -0.96 -37.76 -6.27
C PHE A 390 -1.64 -38.96 -6.92
N LYS A 391 -1.34 -40.16 -6.44
CA LYS A 391 -1.95 -41.37 -6.99
C LYS A 391 -3.46 -41.35 -6.83
N ARG A 392 -3.94 -40.91 -5.66
CA ARG A 392 -5.37 -40.91 -5.40
C ARG A 392 -6.11 -39.96 -6.34
N LYS A 393 -5.53 -38.81 -6.64
CA LYS A 393 -6.20 -37.80 -7.43
C LYS A 393 -6.03 -38.01 -8.93
N TYR A 394 -4.83 -38.32 -9.39
CA TYR A 394 -4.53 -38.35 -10.81
C TYR A 394 -4.52 -39.75 -11.41
N GLY A 395 -4.72 -40.78 -10.60
CA GLY A 395 -4.83 -42.14 -11.14
C GLY A 395 -3.54 -42.87 -11.44
N LYS A 396 -2.61 -42.22 -12.13
CA LYS A 396 -1.27 -42.76 -12.30
C LYS A 396 -0.36 -42.20 -11.21
N SER A 397 0.79 -42.84 -11.03
CA SER A 397 1.70 -42.46 -9.97
C SER A 397 2.53 -41.24 -10.37
N LEU A 398 3.09 -40.56 -9.36
CA LEU A 398 4.05 -39.51 -9.62
C LEU A 398 5.27 -40.06 -10.35
N TYR A 399 5.67 -41.29 -10.01
CA TYR A 399 6.71 -42.00 -10.76
C TYR A 399 6.40 -41.98 -12.25
N TYR A 400 5.17 -42.31 -12.61
CA TYR A 400 4.81 -42.42 -14.03
C TYR A 400 4.91 -41.08 -14.74
N TYR A 401 4.45 -40.00 -14.09
CA TYR A 401 4.48 -38.70 -14.75
C TYR A 401 5.91 -38.18 -14.91
N ILE A 402 6.75 -38.38 -13.90
CA ILE A 402 8.16 -38.05 -14.03
C ILE A 402 8.78 -38.83 -15.19
N GLN A 403 8.43 -40.12 -15.29
CA GLN A 403 8.99 -40.96 -16.34
C GLN A 403 8.60 -40.46 -17.72
N GLN A 404 7.37 -39.95 -17.88
CA GLN A 404 6.93 -39.47 -19.19
C GLN A 404 7.47 -38.11 -19.54
N ASP A 405 7.87 -37.31 -18.55
CA ASP A 405 8.28 -35.92 -18.82
C ASP A 405 9.80 -35.73 -18.86
N THR A 406 10.55 -36.63 -18.23
CA THR A 406 12.00 -36.48 -18.18
C THR A 406 12.67 -37.73 -18.76
N LYS A 407 13.95 -37.61 -19.06
CA LYS A 407 14.70 -38.70 -19.69
C LYS A 407 16.12 -38.72 -19.14
N GLY A 408 16.84 -39.79 -19.48
CA GLY A 408 18.25 -39.91 -19.16
C GLY A 408 18.54 -40.06 -17.66
N ASP A 409 19.78 -39.74 -17.30
CA ASP A 409 20.18 -39.80 -15.90
C ASP A 409 19.43 -38.77 -15.06
N TYR A 410 18.95 -37.69 -15.69
CA TYR A 410 18.13 -36.73 -14.99
C TYR A 410 16.83 -37.37 -14.51
N GLN A 411 16.19 -38.16 -15.36
CA GLN A 411 15.01 -38.91 -14.96
C GLN A 411 15.32 -39.87 -13.81
N LYS A 412 16.42 -40.61 -13.94
CA LYS A 412 16.78 -41.61 -12.93
C LYS A 412 16.91 -40.98 -11.55
N ALA A 413 17.58 -39.82 -11.47
CA ALA A 413 17.72 -39.14 -10.19
C ALA A 413 16.37 -38.76 -9.61
N LEU A 414 15.49 -38.20 -10.44
CA LEU A 414 14.15 -37.83 -9.97
C LEU A 414 13.36 -39.06 -9.56
N LEU A 415 13.50 -40.17 -10.28
CA LEU A 415 12.81 -41.39 -9.91
C LEU A 415 13.30 -41.93 -8.57
N TYR A 416 14.60 -41.78 -8.30
CA TYR A 416 15.13 -42.19 -7.00
C TYR A 416 14.60 -41.29 -5.88
N LEU A 417 14.61 -39.98 -6.10
CA LEU A 417 14.05 -39.06 -5.11
C LEU A 417 12.55 -39.30 -4.93
N CYS A 418 11.87 -39.79 -5.97
CA CYS A 418 10.47 -40.20 -5.80
C CYS A 418 10.36 -41.37 -4.85
N GLY A 419 11.25 -42.35 -4.98
CA GLY A 419 11.33 -43.46 -4.06
C GLY A 419 10.63 -44.74 -4.51
N GLY A 420 9.95 -44.71 -5.65
CA GLY A 420 9.27 -45.90 -6.13
C GLY A 420 7.94 -45.61 -6.79
N ASP A 421 7.33 -46.65 -7.35
CA ASP A 421 6.07 -46.53 -8.07
C ASP A 421 4.88 -46.68 -7.10
N ASP A 422 3.70 -46.34 -7.60
CA ASP A 422 2.47 -46.47 -6.82
C ASP A 422 1.33 -47.02 -7.68
N ASP B 6 -17.70 33.87 -16.51
CA ASP B 6 -17.95 32.47 -16.77
C ASP B 6 -16.84 31.86 -17.62
N TYR B 7 -17.16 30.78 -18.33
CA TYR B 7 -16.15 30.04 -19.07
C TYR B 7 -15.79 30.77 -20.35
N LEU B 8 -14.51 30.73 -20.72
CA LEU B 8 -14.06 31.26 -22.01
C LEU B 8 -14.32 30.20 -23.07
N VAL B 9 -15.31 30.45 -23.93
CA VAL B 9 -15.72 29.50 -24.96
C VAL B 9 -15.14 29.97 -26.28
N THR B 10 -14.36 29.10 -26.92
CA THR B 10 -13.75 29.37 -28.22
C THR B 10 -13.96 28.19 -29.14
N GLU B 11 -14.17 28.46 -30.42
CA GLU B 11 -14.45 27.43 -31.40
C GLU B 11 -13.30 27.35 -32.41
N GLU B 12 -12.91 26.12 -32.75
CA GLU B 12 -11.70 25.90 -33.54
C GLU B 12 -11.90 24.72 -34.46
N GLU B 13 -11.40 24.85 -35.69
CA GLU B 13 -11.39 23.77 -36.67
C GLU B 13 -10.05 23.05 -36.59
N ILE B 14 -10.10 21.74 -36.37
CA ILE B 14 -8.91 20.92 -36.22
C ILE B 14 -8.92 19.86 -37.31
N ASN B 15 -7.83 19.78 -38.07
CA ASN B 15 -7.70 18.83 -39.18
C ASN B 15 -6.66 17.78 -38.79
N LEU B 16 -7.11 16.54 -38.63
CA LEU B 16 -6.27 15.43 -38.21
C LEU B 16 -6.12 14.42 -39.34
N THR B 17 -5.07 13.60 -39.22
CA THR B 17 -4.86 12.45 -40.08
C THR B 17 -4.91 11.20 -39.21
N ARG B 18 -5.88 10.33 -39.48
CA ARG B 18 -6.08 9.10 -38.67
C ARG B 18 -4.89 8.14 -38.80
N GLY B 19 -4.07 8.03 -37.74
CA GLY B 19 -2.97 7.11 -37.73
C GLY B 19 -3.43 5.68 -37.52
N PRO B 20 -2.47 4.75 -37.54
CA PRO B 20 -2.80 3.35 -37.28
C PRO B 20 -3.53 3.12 -35.97
N SER B 21 -3.27 3.95 -34.96
CA SER B 21 -3.95 3.87 -33.68
C SER B 21 -5.23 4.70 -33.63
N GLY B 22 -5.70 5.18 -34.78
CA GLY B 22 -6.90 6.00 -34.82
C GLY B 22 -6.59 7.47 -34.68
N LEU B 23 -7.65 8.24 -34.41
CA LEU B 23 -7.47 9.67 -34.16
C LEU B 23 -6.85 9.93 -32.80
N GLY B 24 -7.04 9.02 -31.86
CA GLY B 24 -6.34 9.07 -30.59
C GLY B 24 -7.06 9.75 -29.44
N PHE B 25 -8.39 9.69 -29.39
CA PHE B 25 -9.11 10.21 -28.24
C PHE B 25 -10.41 9.44 -28.05
N ASN B 26 -11.02 9.65 -26.88
CA ASN B 26 -12.28 9.02 -26.53
C ASN B 26 -13.39 10.06 -26.46
N ILE B 27 -14.60 9.64 -26.83
CA ILE B 27 -15.76 10.53 -26.80
C ILE B 27 -16.79 9.97 -25.84
N VAL B 28 -17.58 10.86 -25.25
CA VAL B 28 -18.74 10.51 -24.45
C VAL B 28 -19.88 11.42 -24.88
N GLY B 29 -21.09 11.04 -24.49
CA GLY B 29 -22.24 11.89 -24.69
C GLY B 29 -23.26 11.27 -25.64
N GLY B 30 -24.22 12.09 -26.03
CA GLY B 30 -25.32 11.66 -26.87
C GLY B 30 -26.65 11.85 -26.18
N THR B 31 -27.75 11.81 -26.94
CA THR B 31 -29.11 11.96 -26.36
C THR B 31 -29.37 10.82 -25.39
N ASP B 32 -29.02 9.59 -25.77
CA ASP B 32 -29.23 8.39 -24.92
C ASP B 32 -28.36 8.42 -23.66
N GLN B 33 -27.13 8.90 -23.76
CA GLN B 33 -26.21 8.95 -22.61
C GLN B 33 -25.77 10.40 -22.42
N GLN B 34 -26.13 11.03 -21.30
CA GLN B 34 -25.83 12.48 -21.16
C GLN B 34 -24.79 12.72 -20.07
N TYR B 35 -23.72 13.43 -20.40
CA TYR B 35 -22.68 13.81 -19.42
C TYR B 35 -23.30 14.78 -18.40
N VAL B 36 -24.01 15.80 -18.88
CA VAL B 36 -24.76 16.74 -17.99
C VAL B 36 -26.22 16.73 -18.46
N SER B 37 -27.20 16.82 -17.55
CA SER B 37 -28.64 16.69 -17.91
C SER B 37 -29.00 17.50 -19.16
N ASN B 38 -28.56 18.73 -19.23
CA ASN B 38 -28.92 19.62 -20.37
C ASN B 38 -28.22 19.16 -21.64
N ASP B 39 -26.94 18.78 -21.54
CA ASP B 39 -26.18 18.53 -22.79
C ASP B 39 -26.34 17.12 -23.38
N SER B 40 -26.57 17.07 -24.68
CA SER B 40 -26.63 15.78 -25.40
C SER B 40 -25.43 15.78 -26.33
N GLY B 41 -24.49 16.72 -26.13
CA GLY B 41 -23.37 16.83 -27.03
C GLY B 41 -22.31 15.78 -26.80
N ILE B 42 -21.41 15.67 -27.78
CA ILE B 42 -20.31 14.72 -27.75
C ILE B 42 -19.07 15.46 -27.26
N TYR B 43 -18.44 14.94 -26.20
CA TYR B 43 -17.31 15.59 -25.56
C TYR B 43 -16.08 14.69 -25.59
N VAL B 44 -14.92 15.32 -25.67
CA VAL B 44 -13.65 14.60 -25.57
C VAL B 44 -13.39 14.26 -24.12
N SER B 45 -13.37 12.96 -23.80
CA SER B 45 -13.19 12.50 -22.43
C SER B 45 -11.75 12.14 -22.10
N ARG B 46 -10.93 11.82 -23.09
CA ARG B 46 -9.55 11.43 -22.87
C ARG B 46 -8.82 11.50 -24.20
N ILE B 47 -7.59 12.01 -24.18
CA ILE B 47 -6.73 12.08 -25.36
C ILE B 47 -5.56 11.14 -25.15
N LYS B 48 -5.48 10.11 -25.98
CA LYS B 48 -4.40 9.13 -25.86
C LYS B 48 -3.05 9.78 -26.16
N GLU B 49 -2.08 9.50 -25.29
CA GLU B 49 -0.73 10.02 -25.49
C GLU B 49 -0.13 9.44 -26.77
N ASN B 50 0.62 10.28 -27.48
CA ASN B 50 1.31 9.86 -28.73
C ASN B 50 0.32 9.71 -29.90
N GLY B 51 -0.97 9.90 -29.65
CA GLY B 51 -1.94 9.75 -30.73
C GLY B 51 -1.99 10.97 -31.65
N ALA B 52 -2.71 10.80 -32.75
CA ALA B 52 -2.77 11.84 -33.78
C ALA B 52 -3.32 13.15 -33.22
N ALA B 53 -4.29 13.07 -32.31
CA ALA B 53 -4.82 14.29 -31.69
C ALA B 53 -3.80 14.88 -30.73
N ALA B 54 -3.07 14.03 -30.00
CA ALA B 54 -2.06 14.53 -29.07
C ALA B 54 -0.93 15.23 -29.81
N LEU B 55 -0.37 14.57 -30.83
CA LEU B 55 0.73 15.15 -31.59
C LEU B 55 0.31 16.44 -32.28
N ASP B 56 -0.96 16.55 -32.65
CA ASP B 56 -1.45 17.79 -33.26
C ASP B 56 -1.54 18.91 -32.22
N GLY B 57 -1.97 18.58 -31.01
CA GLY B 57 -1.94 19.50 -29.88
C GLY B 57 -3.15 20.39 -29.73
N ARG B 58 -3.96 20.57 -30.78
CA ARG B 58 -5.06 21.52 -30.70
C ARG B 58 -6.20 20.99 -29.85
N LEU B 59 -6.56 19.71 -30.02
CA LEU B 59 -7.68 19.15 -29.29
C LEU B 59 -7.37 19.08 -27.80
N GLN B 60 -8.33 19.49 -26.98
CA GLN B 60 -8.18 19.51 -25.53
C GLN B 60 -9.25 18.64 -24.90
N GLU B 61 -8.90 18.01 -23.77
CA GLU B 61 -9.86 17.20 -23.04
C GLU B 61 -10.95 18.09 -22.46
N GLY B 62 -12.20 17.70 -22.69
CA GLY B 62 -13.35 18.49 -22.31
C GLY B 62 -14.00 19.27 -23.44
N ASP B 63 -13.38 19.30 -24.61
CA ASP B 63 -13.95 19.99 -25.76
C ASP B 63 -15.23 19.30 -26.21
N LYS B 64 -16.13 20.08 -26.81
CA LYS B 64 -17.32 19.55 -27.45
C LYS B 64 -17.07 19.45 -28.94
N ILE B 65 -17.43 18.32 -29.53
CA ILE B 65 -17.30 18.10 -30.96
C ILE B 65 -18.55 18.64 -31.64
N LEU B 66 -18.40 19.67 -32.46
CA LEU B 66 -19.54 20.25 -33.17
C LEU B 66 -19.86 19.52 -34.46
N SER B 67 -18.85 19.16 -35.24
CA SER B 67 -19.09 18.47 -36.50
C SER B 67 -17.85 17.67 -36.90
N VAL B 68 -18.09 16.63 -37.70
CA VAL B 68 -17.03 15.77 -38.24
C VAL B 68 -17.22 15.74 -39.75
N ASN B 69 -16.27 16.35 -40.48
CA ASN B 69 -16.34 16.43 -41.93
C ASN B 69 -17.64 17.10 -42.39
N GLY B 70 -18.02 18.17 -41.71
CA GLY B 70 -19.22 18.92 -42.03
C GLY B 70 -20.50 18.35 -41.49
N GLN B 71 -20.46 17.22 -40.79
CA GLN B 71 -21.65 16.54 -40.29
C GLN B 71 -21.82 16.88 -38.81
N ASP B 72 -22.87 17.62 -38.49
CA ASP B 72 -23.08 18.10 -37.13
C ASP B 72 -23.36 16.96 -36.17
N LEU B 73 -22.89 17.12 -34.93
CA LEU B 73 -23.16 16.17 -33.85
C LEU B 73 -24.23 16.68 -32.90
N LYS B 74 -25.17 17.48 -33.41
CA LYS B 74 -26.24 18.05 -32.60
C LYS B 74 -27.38 17.04 -32.47
N ASN B 75 -27.69 16.65 -31.23
CA ASN B 75 -28.79 15.73 -30.93
C ASN B 75 -28.65 14.42 -31.71
N LEU B 76 -27.61 13.67 -31.33
CA LEU B 76 -27.36 12.35 -31.88
C LEU B 76 -27.27 11.33 -30.76
N LEU B 77 -27.65 10.10 -31.07
CA LEU B 77 -27.36 9.00 -30.16
C LEU B 77 -25.86 8.78 -30.08
N HIS B 78 -25.41 8.15 -28.98
CA HIS B 78 -24.00 7.90 -28.82
C HIS B 78 -23.45 7.05 -29.96
N GLN B 79 -24.23 6.08 -30.43
CA GLN B 79 -23.76 5.20 -31.50
C GLN B 79 -23.70 5.93 -32.84
N ASP B 80 -24.62 6.88 -33.07
CA ASP B 80 -24.59 7.61 -34.33
C ASP B 80 -23.34 8.49 -34.43
N ALA B 81 -22.90 9.07 -33.32
CA ALA B 81 -21.65 9.82 -33.30
C ALA B 81 -20.45 8.89 -33.47
N VAL B 82 -20.48 7.73 -32.80
CA VAL B 82 -19.41 6.75 -32.96
C VAL B 82 -19.30 6.32 -34.41
N ASP B 83 -20.45 6.02 -35.04
CA ASP B 83 -20.45 5.59 -36.43
C ASP B 83 -19.95 6.69 -37.37
N LEU B 84 -20.16 7.95 -37.02
CA LEU B 84 -19.62 9.04 -37.84
C LEU B 84 -18.09 9.01 -37.84
N PHE B 85 -17.48 8.64 -36.72
CA PHE B 85 -16.03 8.53 -36.67
C PHE B 85 -15.53 7.24 -37.29
N ARG B 86 -16.28 6.15 -37.17
CA ARG B 86 -15.85 4.87 -37.72
C ARG B 86 -15.87 4.86 -39.25
N ASN B 87 -16.59 5.79 -39.88
CA ASN B 87 -16.75 5.79 -41.34
C ASN B 87 -16.21 7.06 -41.98
N ALA B 88 -15.20 7.68 -41.37
CA ALA B 88 -14.82 9.05 -41.71
C ALA B 88 -13.66 9.16 -42.68
N GLY B 89 -12.93 8.08 -42.93
CA GLY B 89 -11.74 8.15 -43.76
C GLY B 89 -10.58 8.75 -43.01
N TYR B 90 -9.40 8.67 -43.63
CA TYR B 90 -8.17 9.02 -42.92
C TYR B 90 -7.99 10.53 -42.72
N ALA B 91 -8.54 11.35 -43.59
CA ALA B 91 -8.47 12.81 -43.42
C ALA B 91 -9.76 13.27 -42.77
N VAL B 92 -9.69 13.58 -41.47
CA VAL B 92 -10.85 13.98 -40.69
C VAL B 92 -10.75 15.46 -40.37
N SER B 93 -11.85 16.19 -40.60
CA SER B 93 -11.96 17.60 -40.26
C SER B 93 -12.89 17.73 -39.07
N LEU B 94 -12.39 18.33 -38.00
CA LEU B 94 -13.15 18.50 -36.76
C LEU B 94 -13.39 19.98 -36.50
N ARG B 95 -14.64 20.32 -36.15
CA ARG B 95 -14.98 21.62 -35.60
C ARG B 95 -15.33 21.43 -34.14
N VAL B 96 -14.53 22.01 -33.24
CA VAL B 96 -14.64 21.74 -31.82
C VAL B 96 -14.90 23.04 -31.07
N GLN B 97 -15.35 22.87 -29.83
CA GLN B 97 -15.63 24.02 -28.95
C GLN B 97 -14.80 23.86 -27.69
N HIS B 98 -13.90 24.80 -27.43
CA HIS B 98 -13.05 24.75 -26.22
C HIS B 98 -13.74 25.48 -25.07
N ARG B 99 -13.59 25.00 -23.84
CA ARG B 99 -14.13 25.72 -22.67
C ARG B 99 -13.03 25.88 -21.61
N LEU B 100 -12.70 27.12 -21.25
CA LEU B 100 -11.68 27.38 -20.21
C LEU B 100 -12.38 27.98 -18.99
N GLN B 101 -12.35 27.30 -17.85
CA GLN B 101 -12.93 27.89 -16.62
C GLN B 101 -12.13 29.17 -16.35
N VAL B 102 -12.72 30.27 -16.11
CA VAL B 102 -11.97 31.54 -15.90
C VAL B 102 -11.68 31.68 -14.41
N GLN B 103 -10.54 32.10 -14.05
CA GLN B 103 -10.09 32.29 -12.65
C GLN B 103 -9.95 33.80 -12.45
N GLY B 104 -10.71 34.36 -11.53
CA GLY B 104 -10.72 35.83 -11.38
C GLY B 104 -9.36 36.36 -10.99
N SER B 105 -8.69 35.71 -10.05
CA SER B 105 -7.40 36.22 -9.57
C SER B 105 -6.35 35.12 -9.64
N ALA B 106 -5.15 35.47 -10.09
CA ALA B 106 -4.05 34.49 -10.12
C ALA B 106 -3.45 34.43 -8.73
N TYR B 107 -3.92 35.30 -7.84
CA TYR B 107 -3.34 35.38 -6.48
C TYR B 107 -4.23 34.74 -5.43
N GLY B 108 -5.26 34.02 -5.85
CA GLY B 108 -6.19 33.37 -4.91
C GLY B 108 -5.83 31.93 -4.61
N SER B 109 -5.91 31.51 -3.35
CA SER B 109 -5.64 30.11 -2.96
C SER B 109 -6.71 29.16 -3.49
N VAL B 110 -7.98 29.56 -3.39
CA VAL B 110 -9.08 28.66 -3.80
C VAL B 110 -9.37 28.95 -5.26
N LYS B 111 -9.38 27.91 -6.07
CA LYS B 111 -9.59 28.09 -7.51
C LYS B 111 -10.84 27.32 -7.91
N ALA B 112 -11.44 27.71 -9.02
CA ALA B 112 -12.64 27.00 -9.52
C ALA B 112 -12.29 25.57 -9.90
N TYR B 113 -13.13 24.61 -9.50
CA TYR B 113 -12.92 23.19 -9.84
C TYR B 113 -13.09 23.00 -11.34
N THR B 114 -12.31 22.09 -11.91
CA THR B 114 -12.35 21.83 -13.35
C THR B 114 -13.51 20.93 -13.73
N ASN B 115 -13.57 19.73 -13.15
CA ASN B 115 -14.63 18.77 -13.44
C ASN B 115 -15.84 19.02 -12.53
N PHE B 116 -16.36 20.24 -12.61
CA PHE B 116 -17.39 20.67 -11.69
C PHE B 116 -18.77 20.19 -12.14
N ASP B 117 -19.47 19.51 -11.24
CA ASP B 117 -20.86 19.08 -11.44
C ASP B 117 -21.63 19.52 -10.21
N ALA B 118 -22.41 20.60 -10.35
CA ALA B 118 -23.16 21.12 -9.22
C ALA B 118 -24.20 20.14 -8.70
N GLU B 119 -24.66 19.21 -9.54
CA GLU B 119 -25.66 18.25 -9.11
C GLU B 119 -25.06 17.16 -8.23
N ARG B 120 -23.90 16.64 -8.60
CA ARG B 120 -23.28 15.58 -7.80
C ARG B 120 -22.75 16.12 -6.48
N ASP B 121 -22.22 17.35 -6.48
CA ASP B 121 -21.74 17.95 -5.24
C ASP B 121 -22.88 18.15 -4.25
N ALA B 122 -23.99 18.72 -4.71
CA ALA B 122 -25.16 18.87 -3.85
C ALA B 122 -25.67 17.51 -3.38
N LEU B 123 -25.62 16.50 -4.25
CA LEU B 123 -26.01 15.15 -3.87
C LEU B 123 -25.13 14.63 -2.75
N ASN B 124 -23.81 14.69 -2.93
CA ASN B 124 -22.90 14.15 -1.93
C ASN B 124 -22.93 14.96 -0.64
N ILE B 125 -23.27 16.25 -0.71
CA ILE B 125 -23.38 17.05 0.50
C ILE B 125 -24.61 16.64 1.29
N GLU B 126 -25.74 16.39 0.62
CA GLU B 126 -26.91 15.88 1.32
C GLU B 126 -26.61 14.54 1.98
N THR B 127 -25.84 13.70 1.31
CA THR B 127 -25.45 12.42 1.91
C THR B 127 -24.67 12.64 3.20
N ALA B 128 -23.68 13.53 3.16
CA ALA B 128 -22.87 13.79 4.35
C ALA B 128 -23.70 14.41 5.47
N ILE B 129 -24.74 15.17 5.12
CA ILE B 129 -25.60 15.77 6.13
C ILE B 129 -26.45 14.71 6.82
N LYS B 130 -26.85 13.67 6.09
CA LYS B 130 -27.83 12.72 6.57
C LYS B 130 -27.22 11.44 7.12
N THR B 131 -25.90 11.26 7.07
CA THR B 131 -25.31 10.12 7.74
C THR B 131 -25.33 10.33 9.25
N LYS B 132 -25.26 9.22 9.98
CA LYS B 132 -25.37 9.27 11.43
C LYS B 132 -24.19 10.04 12.03
N GLY B 133 -24.50 11.15 12.70
CA GLY B 133 -23.49 11.99 13.29
C GLY B 133 -22.92 13.06 12.39
N VAL B 134 -23.36 13.12 11.13
CA VAL B 134 -22.94 14.10 10.13
C VAL B 134 -21.48 13.88 9.73
N ASP B 135 -21.19 13.85 8.42
CA ASP B 135 -19.80 13.72 7.91
C ASP B 135 -19.29 15.09 7.49
N GLU B 136 -18.64 15.77 8.53
CA GLU B 136 -18.15 17.15 8.30
C GLU B 136 -17.04 17.11 7.24
N VAL B 137 -16.20 16.14 7.22
CA VAL B 137 -15.00 16.08 6.36
C VAL B 137 -15.40 16.19 4.88
N THR B 138 -16.50 15.55 4.48
CA THR B 138 -16.87 15.57 3.04
C THR B 138 -17.40 16.96 2.70
N ILE B 139 -18.17 17.56 3.59
CA ILE B 139 -18.66 18.95 3.37
C ILE B 139 -17.44 19.87 3.20
N VAL B 140 -16.46 19.75 4.08
CA VAL B 140 -15.24 20.62 4.01
C VAL B 140 -14.50 20.30 2.71
N ASN B 141 -14.29 19.03 2.41
CA ASN B 141 -13.48 18.67 1.24
C ASN B 141 -14.06 19.24 -0.05
N ILE B 142 -15.38 19.40 -0.12
CA ILE B 142 -16.03 19.90 -1.33
C ILE B 142 -16.03 21.42 -1.33
N LEU B 143 -16.59 22.02 -0.29
CA LEU B 143 -16.89 23.45 -0.33
C LEU B 143 -15.61 24.30 -0.31
N THR B 144 -14.58 23.82 0.38
CA THR B 144 -13.28 24.55 0.45
C THR B 144 -12.50 24.33 -0.84
N ASN B 145 -13.03 23.49 -1.73
CA ASN B 145 -12.34 23.20 -3.00
C ASN B 145 -13.16 23.65 -4.20
N ARG B 146 -14.10 24.56 -4.00
CA ARG B 146 -14.88 25.16 -5.08
C ARG B 146 -14.85 26.66 -4.94
N SER B 147 -14.96 27.36 -6.07
CA SER B 147 -15.06 28.81 -6.04
C SER B 147 -16.40 29.25 -5.47
N ASN B 148 -16.47 30.51 -5.05
CA ASN B 148 -17.70 31.04 -4.49
C ASN B 148 -18.85 30.95 -5.49
N GLU B 149 -18.69 31.12 -6.71
CA GLU B 149 -19.77 31.04 -7.72
C GLU B 149 -20.22 29.59 -7.86
N GLN B 150 -19.19 28.66 -7.88
CA GLN B 150 -19.60 27.26 -7.91
C GLN B 150 -20.40 26.88 -6.67
N ARG B 151 -20.09 27.49 -5.53
CA ARG B 151 -20.86 27.22 -4.32
C ARG B 151 -22.31 27.67 -4.48
N GLN B 152 -22.53 28.77 -5.20
CA GLN B 152 -23.90 29.22 -5.47
C GLN B 152 -24.63 28.22 -6.36
N ASP B 153 -23.92 27.61 -7.31
CA ASP B 153 -24.52 26.56 -8.12
C ASP B 153 -24.89 25.36 -7.27
N ILE B 154 -24.03 24.99 -6.32
CA ILE B 154 -24.32 23.87 -5.44
C ILE B 154 -25.50 24.19 -4.53
N ALA B 155 -25.57 25.42 -4.04
CA ALA B 155 -26.72 25.83 -3.23
C ALA B 155 -28.01 25.77 -4.05
N PHE B 156 -27.95 26.15 -5.32
CA PHE B 156 -29.13 26.09 -6.18
C PHE B 156 -29.57 24.65 -6.38
N ALA B 157 -28.63 23.77 -6.78
CA ALA B 157 -28.98 22.38 -7.03
C ALA B 157 -29.51 21.71 -5.76
N TYR B 158 -28.94 22.07 -4.60
CA TYR B 158 -29.38 21.46 -3.35
C TYR B 158 -30.80 21.89 -3.00
N GLN B 159 -31.16 23.15 -3.30
CA GLN B 159 -32.49 23.64 -2.94
C GLN B 159 -33.56 22.96 -3.78
N ARG B 160 -33.30 22.74 -5.07
CA ARG B 160 -34.30 22.09 -5.92
C ARG B 160 -34.52 20.65 -5.51
N ARG B 161 -33.45 19.95 -5.14
CA ARG B 161 -33.56 18.53 -4.82
C ARG B 161 -34.25 18.29 -3.48
N THR B 162 -33.99 19.14 -2.50
CA THR B 162 -34.44 18.90 -1.13
C THR B 162 -35.45 19.92 -0.63
N LYS B 163 -35.79 20.95 -1.41
CA LYS B 163 -36.72 21.99 -1.03
C LYS B 163 -36.25 22.81 0.16
N LYS B 164 -35.09 22.47 0.72
CA LYS B 164 -34.49 23.22 1.82
C LYS B 164 -33.28 23.99 1.32
N GLU B 165 -32.99 25.10 1.98
CA GLU B 165 -31.79 25.87 1.67
C GLU B 165 -30.56 25.13 2.15
N LEU B 166 -29.54 25.05 1.30
CA LEU B 166 -28.29 24.39 1.70
C LEU B 166 -27.70 25.05 2.94
N ALA B 167 -27.70 26.38 2.99
CA ALA B 167 -27.21 27.08 4.16
C ALA B 167 -28.02 26.73 5.40
N SER B 168 -29.34 26.80 5.30
CA SER B 168 -30.20 26.45 6.43
C SER B 168 -30.03 24.98 6.80
N ALA B 169 -29.67 24.12 5.84
CA ALA B 169 -29.42 22.72 6.14
C ALA B 169 -28.07 22.54 6.84
N LEU B 170 -27.03 23.21 6.36
CA LEU B 170 -25.73 23.12 7.01
C LEU B 170 -25.72 23.83 8.36
N LYS B 171 -26.56 24.85 8.49
CA LYS B 171 -26.68 25.59 9.76
C LYS B 171 -27.14 24.61 10.84
N SER B 172 -27.86 23.56 10.44
CA SER B 172 -28.37 22.59 11.39
C SER B 172 -27.42 21.41 11.60
N ALA B 173 -26.67 21.02 10.57
CA ALA B 173 -25.79 19.86 10.68
C ALA B 173 -24.43 20.20 11.27
N LEU B 174 -24.05 21.47 11.28
CA LEU B 174 -22.74 21.89 11.76
C LEU B 174 -22.87 22.71 13.03
N SER B 175 -21.72 22.97 13.66
CA SER B 175 -21.68 23.74 14.89
C SER B 175 -20.25 24.25 15.10
N GLY B 176 -20.10 25.11 16.11
CA GLY B 176 -18.78 25.60 16.47
C GLY B 176 -18.17 26.53 15.43
N HIS B 177 -16.85 26.68 15.54
CA HIS B 177 -16.12 27.52 14.60
C HIS B 177 -16.26 27.03 13.17
N LEU B 178 -16.37 25.71 12.98
CA LEU B 178 -16.49 25.17 11.63
C LEU B 178 -17.76 25.67 10.94
N GLU B 179 -18.86 25.79 11.70
CA GLU B 179 -20.10 26.28 11.12
C GLU B 179 -19.94 27.70 10.59
N THR B 180 -19.20 28.54 11.32
CA THR B 180 -18.97 29.92 10.88
C THR B 180 -18.23 29.95 9.55
N VAL B 181 -17.23 29.07 9.38
CA VAL B 181 -16.46 29.03 8.14
C VAL B 181 -17.37 28.64 6.98
N ILE B 182 -18.08 27.52 7.12
CA ILE B 182 -18.89 27.00 6.02
C ILE B 182 -20.01 27.97 5.68
N LEU B 183 -20.64 28.56 6.70
CA LEU B 183 -21.68 29.55 6.45
C LEU B 183 -21.11 30.78 5.74
N GLY B 184 -19.90 31.19 6.12
CA GLY B 184 -19.27 32.31 5.44
C GLY B 184 -18.92 32.01 4.00
N LEU B 185 -18.46 30.78 3.73
CA LEU B 185 -18.11 30.41 2.36
C LEU B 185 -19.33 30.38 1.45
N LEU B 186 -20.50 30.06 2.00
CA LEU B 186 -21.70 29.96 1.17
C LEU B 186 -22.19 31.33 0.72
N LYS B 187 -21.97 32.37 1.51
CA LYS B 187 -22.38 33.70 1.12
C LYS B 187 -21.52 34.21 -0.05
N THR B 188 -22.13 35.06 -0.87
CA THR B 188 -21.36 35.78 -1.87
C THR B 188 -20.51 36.83 -1.16
N PRO B 189 -19.41 37.27 -1.79
CA PRO B 189 -18.53 38.25 -1.12
C PRO B 189 -19.25 39.49 -0.62
N ALA B 190 -20.20 40.02 -1.38
CA ALA B 190 -20.97 41.18 -0.91
C ALA B 190 -21.84 40.80 0.28
N GLN B 191 -22.56 39.69 0.17
CA GLN B 191 -23.41 39.24 1.28
C GLN B 191 -22.59 38.97 2.54
N TYR B 192 -21.38 38.40 2.36
CA TYR B 192 -20.55 38.10 3.52
C TYR B 192 -20.07 39.37 4.20
N ASP B 193 -19.55 40.32 3.41
CA ASP B 193 -19.07 41.57 3.99
C ASP B 193 -20.22 42.38 4.59
N ALA B 194 -21.37 42.40 3.91
CA ALA B 194 -22.52 43.13 4.44
C ALA B 194 -22.98 42.53 5.77
N SER B 195 -22.99 41.20 5.87
CA SER B 195 -23.43 40.56 7.11
C SER B 195 -22.40 40.77 8.22
N GLU B 196 -21.11 40.74 7.88
CA GLU B 196 -20.08 41.02 8.87
C GLU B 196 -20.16 42.47 9.36
N LEU B 197 -20.47 43.40 8.46
CA LEU B 197 -20.63 44.80 8.86
C LEU B 197 -21.83 44.96 9.79
N LYS B 198 -22.97 44.36 9.41
CA LYS B 198 -24.15 44.44 10.27
C LYS B 198 -23.90 43.81 11.63
N ALA B 199 -23.09 42.76 11.69
CA ALA B 199 -22.78 42.13 12.96
C ALA B 199 -21.90 43.02 13.83
N SER B 200 -21.15 43.87 13.24
CA SER B 200 -20.26 44.77 13.99
C SER B 200 -21.11 45.88 14.58
N MET B 201 -21.99 46.47 13.73
CA MET B 201 -22.80 47.61 14.19
C MET B 201 -24.04 47.09 14.90
N LYS B 202 -23.86 46.56 16.11
CA LYS B 202 -24.99 46.00 16.89
C LYS B 202 -24.89 46.49 18.34
N GLY B 203 -24.25 47.64 18.56
CA GLY B 203 -24.16 48.20 19.92
C GLY B 203 -23.29 49.44 19.92
N LEU B 204 -23.02 50.01 21.10
CA LEU B 204 -22.12 51.19 21.19
C LEU B 204 -20.70 50.67 21.00
N GLY B 205 -20.41 49.43 21.44
CA GLY B 205 -19.07 48.89 21.16
C GLY B 205 -18.88 48.90 19.66
N THR B 206 -19.87 48.41 18.91
CA THR B 206 -19.88 48.54 17.44
C THR B 206 -18.73 47.77 16.76
N ASP B 207 -17.99 46.98 17.52
CA ASP B 207 -16.91 46.15 16.91
C ASP B 207 -16.17 47.02 15.91
N GLU B 208 -15.50 48.06 16.38
CA GLU B 208 -14.80 49.00 15.47
C GLU B 208 -13.64 48.31 14.74
N ASP B 209 -12.99 47.34 15.38
N ASP B 209 -13.00 47.35 15.35
CA ASP B 209 -11.86 46.64 14.72
CA ASP B 209 -11.86 46.67 14.69
C ASP B 209 -12.33 45.89 13.47
C ASP B 209 -12.33 45.88 13.46
N SER B 210 -13.59 45.44 13.44
CA SER B 210 -14.12 44.70 12.28
C SER B 210 -14.61 45.69 11.24
N LEU B 211 -15.21 46.78 11.71
CA LEU B 211 -15.73 47.80 10.78
C LEU B 211 -14.53 48.42 10.07
N ILE B 212 -13.44 48.65 10.81
CA ILE B 212 -12.30 49.29 10.16
C ILE B 212 -11.71 48.38 9.08
N GLU B 213 -11.47 47.12 9.43
CA GLU B 213 -10.81 46.19 8.51
C GLU B 213 -11.55 46.09 7.18
N ILE B 214 -12.88 45.97 7.23
CA ILE B 214 -13.66 45.79 6.02
C ILE B 214 -13.69 47.08 5.21
N ILE B 215 -13.99 48.20 5.86
CA ILE B 215 -14.18 49.46 5.14
C ILE B 215 -12.86 49.98 4.58
N CYS B 216 -11.75 49.74 5.28
CA CYS B 216 -10.47 50.26 4.82
C CYS B 216 -9.90 49.43 3.67
N SER B 217 -10.23 48.14 3.57
CA SER B 217 -9.58 47.24 2.64
C SER B 217 -10.38 46.96 1.37
N ARG B 218 -11.65 47.36 1.30
CA ARG B 218 -12.51 47.03 0.18
C ARG B 218 -12.42 48.11 -0.90
N THR B 219 -12.38 47.67 -2.16
CA THR B 219 -12.26 48.60 -3.26
C THR B 219 -13.60 49.24 -3.59
N ASN B 220 -13.57 50.23 -4.49
CA ASN B 220 -14.80 50.92 -4.90
C ASN B 220 -15.85 49.94 -5.39
N GLN B 221 -15.46 49.03 -6.28
CA GLN B 221 -16.39 48.04 -6.83
C GLN B 221 -17.01 47.20 -5.71
N GLU B 222 -16.17 46.72 -4.78
CA GLU B 222 -16.66 45.88 -3.70
C GLU B 222 -17.61 46.65 -2.79
N LEU B 223 -17.28 47.90 -2.48
CA LEU B 223 -18.09 48.69 -1.55
C LEU B 223 -19.44 49.04 -2.17
N GLN B 224 -19.57 49.41 -3.32
CA GLN B 224 -20.88 49.77 -3.93
C GLN B 224 -21.74 48.52 -4.00
N GLU B 225 -21.03 47.33 -4.36
CA GLU B 225 -21.81 46.10 -4.32
C GLU B 225 -22.26 45.77 -2.91
N ILE B 226 -21.45 46.11 -1.91
CA ILE B 226 -21.86 45.92 -0.51
C ILE B 226 -23.02 46.84 -0.19
N ASN B 227 -22.96 48.10 -0.63
CA ASN B 227 -24.02 49.06 -0.33
C ASN B 227 -25.35 48.60 -0.89
N ARG B 228 -25.37 48.09 -2.12
CA ARG B 228 -26.62 47.62 -2.71
C ARG B 228 -27.17 46.42 -1.96
N VAL B 229 -26.32 45.41 -1.73
CA VAL B 229 -26.76 44.20 -1.05
C VAL B 229 -27.18 44.50 0.39
N TYR B 230 -26.48 45.42 1.04
CA TYR B 230 -26.81 45.76 2.43
C TYR B 230 -28.24 46.29 2.53
N LYS B 231 -28.62 47.18 1.61
CA LYS B 231 -29.98 47.70 1.64
C LYS B 231 -31.00 46.64 1.26
N GLU B 232 -30.62 45.69 0.41
CA GLU B 232 -31.53 44.59 0.09
C GLU B 232 -31.75 43.71 1.31
N MET B 233 -30.67 43.33 2.00
CA MET B 233 -30.80 42.41 3.12
C MET B 233 -31.47 43.09 4.32
N TYR B 234 -30.99 44.27 4.70
CA TYR B 234 -31.37 44.89 5.96
C TYR B 234 -32.28 46.11 5.78
N LYS B 235 -32.76 46.36 4.57
CA LYS B 235 -33.79 47.38 4.30
C LYS B 235 -33.36 48.76 4.78
N THR B 236 -32.05 49.01 4.82
CA THR B 236 -31.54 50.29 5.28
C THR B 236 -30.19 50.54 4.63
N ASP B 237 -29.84 51.82 4.51
CA ASP B 237 -28.55 52.18 3.96
C ASP B 237 -27.44 51.85 4.95
N LEU B 238 -26.34 51.29 4.42
CA LEU B 238 -25.18 51.04 5.26
C LEU B 238 -24.67 52.33 5.90
N GLU B 239 -24.73 53.43 5.15
CA GLU B 239 -24.28 54.71 5.70
C GLU B 239 -25.13 55.13 6.89
N LYS B 240 -26.44 54.85 6.84
CA LYS B 240 -27.30 55.19 7.97
C LYS B 240 -26.90 54.42 9.22
N ASP B 241 -26.54 53.14 9.06
CA ASP B 241 -26.10 52.36 10.20
C ASP B 241 -24.73 52.82 10.69
N ILE B 242 -23.85 53.22 9.77
CA ILE B 242 -22.54 53.73 10.18
C ILE B 242 -22.70 55.06 10.91
N ILE B 243 -23.47 55.99 10.33
CA ILE B 243 -23.75 57.26 11.00
C ILE B 243 -24.34 57.02 12.38
N SER B 244 -25.24 56.02 12.47
CA SER B 244 -25.94 55.75 13.74
C SER B 244 -25.03 55.06 14.77
N ASP B 245 -23.96 54.41 14.35
CA ASP B 245 -23.16 53.62 15.33
C ASP B 245 -21.78 54.21 15.61
N THR B 246 -21.43 55.33 14.98
CA THR B 246 -20.15 55.98 15.26
C THR B 246 -20.39 57.47 15.51
N SER B 247 -19.30 58.18 15.78
CA SER B 247 -19.39 59.61 16.10
C SER B 247 -18.02 60.25 15.90
N GLY B 248 -18.04 61.57 15.77
CA GLY B 248 -16.81 62.35 15.67
C GLY B 248 -16.14 62.23 14.32
N ASP B 249 -14.82 62.49 14.33
CA ASP B 249 -14.04 62.36 13.10
C ASP B 249 -13.96 60.91 12.63
N PHE B 250 -14.09 59.96 13.57
CA PHE B 250 -14.12 58.55 13.18
C PHE B 250 -15.33 58.24 12.32
N ARG B 251 -16.46 58.90 12.59
CA ARG B 251 -17.63 58.74 11.72
C ARG B 251 -17.38 59.36 10.35
N LYS B 252 -16.74 60.53 10.31
CA LYS B 252 -16.46 61.20 9.05
C LYS B 252 -15.61 60.32 8.13
N LEU B 253 -14.60 59.66 8.70
CA LEU B 253 -13.70 58.84 7.89
C LEU B 253 -14.40 57.57 7.40
N MET B 254 -15.23 56.97 8.26
CA MET B 254 -15.91 55.74 7.86
C MET B 254 -16.96 55.99 6.78
N VAL B 255 -17.76 57.05 6.95
CA VAL B 255 -18.80 57.36 5.96
C VAL B 255 -18.18 57.69 4.61
N ALA B 256 -17.09 58.48 4.62
CA ALA B 256 -16.43 58.83 3.37
C ALA B 256 -15.86 57.60 2.67
N LEU B 257 -15.21 56.72 3.43
CA LEU B 257 -14.64 55.51 2.84
C LEU B 257 -15.73 54.59 2.32
N ALA B 258 -16.77 54.36 3.13
CA ALA B 258 -17.80 53.38 2.79
C ALA B 258 -18.58 53.75 1.54
N LYS B 259 -18.57 55.03 1.15
CA LYS B 259 -19.27 55.44 -0.07
C LYS B 259 -18.71 54.77 -1.31
N GLY B 260 -17.47 54.31 -1.21
CA GLY B 260 -16.78 53.61 -2.30
C GLY B 260 -16.75 54.43 -3.56
N ARG B 261 -16.37 55.69 -3.45
CA ARG B 261 -16.32 56.58 -4.64
C ARG B 261 -14.93 57.21 -4.70
N ARG B 262 -13.90 56.42 -4.44
CA ARG B 262 -12.52 56.92 -4.50
C ARG B 262 -12.14 57.06 -5.97
N ALA B 263 -11.28 58.01 -6.29
CA ALA B 263 -10.86 58.22 -7.69
C ALA B 263 -10.24 56.93 -8.24
N GLU B 264 -10.58 56.62 -9.49
CA GLU B 264 -10.04 55.41 -10.14
C GLU B 264 -8.63 55.74 -10.64
N ASP B 265 -7.76 54.75 -10.71
CA ASP B 265 -6.37 55.09 -11.11
C ASP B 265 -6.47 55.69 -12.51
N GLY B 266 -5.94 56.90 -12.67
CA GLY B 266 -5.95 57.57 -13.97
C GLY B 266 -4.79 57.14 -14.83
N SER B 267 -4.89 57.34 -16.14
CA SER B 267 -3.74 57.07 -17.03
C SER B 267 -2.58 58.01 -16.68
N VAL B 268 -2.89 59.27 -16.37
CA VAL B 268 -1.79 60.26 -16.14
C VAL B 268 -1.49 60.42 -14.66
N ILE B 269 -0.22 60.28 -14.29
CA ILE B 269 0.21 60.51 -12.89
C ILE B 269 0.29 62.02 -12.68
N ASP B 270 -0.47 62.54 -11.73
CA ASP B 270 -0.50 63.96 -11.42
C ASP B 270 0.57 64.22 -10.38
N TYR B 271 1.80 64.47 -10.84
CA TYR B 271 2.91 64.73 -9.92
C TYR B 271 2.74 66.06 -9.19
N GLU B 272 2.05 67.01 -9.81
CA GLU B 272 1.79 68.28 -9.13
C GLU B 272 0.88 68.06 -7.92
N LEU B 273 -0.21 67.32 -8.11
CA LEU B 273 -1.11 67.04 -6.99
C LEU B 273 -0.45 66.16 -5.94
N ILE B 274 0.47 65.28 -6.36
CA ILE B 274 1.16 64.42 -5.41
C ILE B 274 1.98 65.26 -4.43
N ASP B 275 2.71 66.25 -4.95
CA ASP B 275 3.48 67.12 -4.08
C ASP B 275 2.57 67.97 -3.21
N GLN B 276 1.51 68.50 -3.81
CA GLN B 276 0.53 69.37 -3.11
C GLN B 276 -0.08 68.60 -1.93
N ASP B 277 -0.48 67.33 -2.17
CA ASP B 277 -1.08 66.51 -1.12
C ASP B 277 -0.07 66.18 -0.03
N ALA B 278 1.19 65.95 -0.40
CA ALA B 278 2.21 65.67 0.60
C ALA B 278 2.40 66.86 1.53
N ARG B 279 2.44 68.06 0.98
CA ARG B 279 2.67 69.27 1.81
C ARG B 279 1.47 69.45 2.73
N ASP B 280 0.27 69.19 2.23
CA ASP B 280 -0.95 69.46 3.02
C ASP B 280 -1.12 68.46 4.16
N LEU B 281 -0.56 67.26 4.03
CA LEU B 281 -0.64 66.27 5.13
C LEU B 281 0.30 66.71 6.24
N TYR B 282 1.44 67.31 5.90
CA TYR B 282 2.41 67.81 6.91
C TYR B 282 1.83 69.08 7.54
N ASP B 283 1.34 70.00 6.72
CA ASP B 283 0.78 71.29 7.22
C ASP B 283 -0.38 71.03 8.17
N ALA B 284 -1.13 69.95 7.97
CA ALA B 284 -2.33 69.70 8.79
C ALA B 284 -2.03 68.80 9.97
N GLY B 285 -0.78 68.40 10.14
CA GLY B 285 -0.45 67.47 11.22
C GLY B 285 0.79 67.84 12.00
N VAL B 286 1.93 67.25 11.64
CA VAL B 286 3.17 67.44 12.44
C VAL B 286 3.58 68.91 12.51
N LYS B 287 3.44 69.66 11.42
CA LYS B 287 3.89 71.07 11.41
C LYS B 287 3.05 71.93 12.35
N ARG B 288 1.73 71.78 12.38
N ARG B 288 1.72 71.79 12.35
CA ARG B 288 0.97 72.73 13.23
CA ARG B 288 0.87 72.68 13.19
C ARG B 288 0.71 72.16 14.62
C ARG B 288 0.60 72.09 14.57
N LYS B 289 -0.12 72.86 15.39
CA LYS B 289 -0.56 72.36 16.72
C LYS B 289 -1.95 71.78 16.51
N GLY B 290 -2.17 70.56 16.97
CA GLY B 290 -3.45 69.90 16.67
C GLY B 290 -3.40 69.28 15.29
N THR B 291 -4.52 68.72 14.82
CA THR B 291 -4.58 68.14 13.47
C THR B 291 -5.85 68.58 12.75
N ASP B 292 -5.74 69.01 11.49
CA ASP B 292 -6.96 69.31 10.69
C ASP B 292 -7.38 67.97 10.10
N VAL B 293 -8.12 67.19 10.87
CA VAL B 293 -8.48 65.83 10.42
C VAL B 293 -9.31 65.90 9.14
N PRO B 294 -10.31 66.80 8.98
CA PRO B 294 -11.00 66.90 7.71
C PRO B 294 -10.06 66.95 6.49
N LYS B 295 -8.91 67.60 6.60
CA LYS B 295 -7.95 67.65 5.49
C LYS B 295 -7.31 66.29 5.26
N TRP B 296 -6.96 65.58 6.34
CA TRP B 296 -6.44 64.23 6.20
C TRP B 296 -7.49 63.29 5.60
N ILE B 297 -8.75 63.43 6.03
CA ILE B 297 -9.81 62.55 5.54
C ILE B 297 -10.03 62.75 4.05
N SER B 298 -10.14 64.02 3.63
CA SER B 298 -10.44 64.30 2.23
C SER B 298 -9.36 63.79 1.30
N ILE B 299 -8.09 63.90 1.71
CA ILE B 299 -7.00 63.44 0.86
C ILE B 299 -6.97 61.92 0.79
N MET B 300 -7.08 61.25 1.94
CA MET B 300 -6.92 59.81 2.00
C MET B 300 -8.14 59.04 1.52
N THR B 301 -9.30 59.69 1.36
CA THR B 301 -10.48 59.01 0.85
C THR B 301 -10.75 59.30 -0.62
N GLU B 302 -10.32 60.45 -1.13
CA GLU B 302 -10.66 60.85 -2.50
C GLU B 302 -9.59 60.46 -3.51
N ARG B 303 -8.31 60.60 -3.17
CA ARG B 303 -7.25 60.28 -4.11
C ARG B 303 -7.17 58.77 -4.35
N SER B 304 -6.63 58.42 -5.51
CA SER B 304 -6.52 57.02 -5.89
C SER B 304 -5.39 56.33 -5.13
N VAL B 305 -5.48 55.00 -5.05
CA VAL B 305 -4.48 54.23 -4.32
C VAL B 305 -3.07 54.43 -4.87
N PRO B 306 -2.82 54.30 -6.19
CA PRO B 306 -1.46 54.56 -6.68
C PRO B 306 -0.99 55.98 -6.40
N HIS B 307 -1.89 56.95 -6.52
CA HIS B 307 -1.55 58.34 -6.20
C HIS B 307 -1.10 58.47 -4.76
N LEU B 308 -1.85 57.89 -3.83
CA LEU B 308 -1.53 58.03 -2.40
C LEU B 308 -0.25 57.30 -2.04
N GLN B 309 0.07 56.20 -2.73
CA GLN B 309 1.34 55.53 -2.49
C GLN B 309 2.51 56.46 -2.80
N LYS B 310 2.39 57.24 -3.88
CA LYS B 310 3.41 58.22 -4.19
C LYS B 310 3.37 59.40 -3.22
N VAL B 311 2.17 59.76 -2.76
CA VAL B 311 2.04 60.87 -1.82
C VAL B 311 2.76 60.57 -0.52
N PHE B 312 2.66 59.33 -0.04
CA PHE B 312 3.28 58.96 1.23
C PHE B 312 4.81 58.95 1.14
N ASP B 313 5.37 58.79 -0.06
CA ASP B 313 6.82 58.89 -0.19
C ASP B 313 7.27 60.34 -0.26
N ARG B 314 6.57 61.17 -1.04
CA ARG B 314 6.87 62.60 -1.08
C ARG B 314 6.69 63.24 0.29
N TYR B 315 5.79 62.69 1.11
CA TYR B 315 5.60 63.17 2.47
C TYR B 315 6.87 63.01 3.31
N LYS B 316 7.69 62.01 2.98
CA LYS B 316 8.95 61.83 3.70
C LYS B 316 10.01 62.85 3.28
N SER B 317 9.81 63.51 2.14
CA SER B 317 10.73 64.57 1.74
C SER B 317 10.56 65.80 2.63
N TYR B 318 9.35 66.06 3.11
CA TYR B 318 9.04 67.22 3.94
C TYR B 318 9.10 66.93 5.43
N SER B 319 8.62 65.74 5.86
CA SER B 319 8.43 65.41 7.28
C SER B 319 9.55 64.51 7.79
N PRO B 320 9.95 64.69 9.05
CA PRO B 320 10.95 63.78 9.64
C PRO B 320 10.39 62.41 9.99
N TYR B 321 9.08 62.27 10.13
CA TYR B 321 8.43 60.99 10.39
C TYR B 321 7.59 60.59 9.18
N ASP B 322 7.42 59.29 9.00
CA ASP B 322 6.61 58.80 7.89
C ASP B 322 5.13 58.91 8.25
N MET B 323 4.27 58.50 7.32
CA MET B 323 2.84 58.66 7.51
C MET B 323 2.35 57.88 8.73
N LEU B 324 2.85 56.67 8.93
CA LEU B 324 2.39 55.86 10.05
C LEU B 324 2.82 56.46 11.39
N GLU B 325 4.07 56.93 11.48
CA GLU B 325 4.53 57.57 12.71
C GLU B 325 3.78 58.87 12.97
N SER B 326 3.50 59.63 11.90
CA SER B 326 2.77 60.88 12.05
C SER B 326 1.36 60.63 12.59
N ILE B 327 0.73 59.54 12.16
CA ILE B 327 -0.60 59.21 12.66
C ILE B 327 -0.55 58.91 14.15
N ARG B 328 0.48 58.17 14.59
CA ARG B 328 0.62 57.85 15.99
C ARG B 328 0.89 59.10 16.83
N LYS B 329 1.50 60.11 16.23
CA LYS B 329 1.86 61.32 16.96
C LYS B 329 0.75 62.37 16.99
N GLU B 330 -0.23 62.28 16.08
CA GLU B 330 -1.24 63.31 15.92
C GLU B 330 -2.61 62.92 16.45
N VAL B 331 -3.08 61.71 16.14
CA VAL B 331 -4.44 61.31 16.54
C VAL B 331 -4.37 60.11 17.47
N LYS B 332 -5.52 59.70 18.01
CA LYS B 332 -5.58 58.64 19.00
C LYS B 332 -6.94 57.95 18.93
N GLY B 333 -7.05 56.81 19.61
CA GLY B 333 -8.29 56.07 19.73
C GLY B 333 -8.77 55.37 18.48
N ASP B 334 -10.08 55.47 18.21
CA ASP B 334 -10.64 54.83 17.02
C ASP B 334 -10.15 55.51 15.74
N LEU B 335 -10.01 56.83 15.77
CA LEU B 335 -9.57 57.57 14.59
C LEU B 335 -8.16 57.14 14.18
N GLU B 336 -7.28 56.97 15.15
CA GLU B 336 -5.89 56.56 14.89
C GLU B 336 -5.86 55.18 14.25
N ASN B 337 -6.60 54.23 14.81
CA ASN B 337 -6.52 52.84 14.30
C ASN B 337 -6.98 52.83 12.84
N ALA B 338 -8.06 53.54 12.56
CA ALA B 338 -8.58 53.60 11.18
C ALA B 338 -7.49 54.13 10.26
N PHE B 339 -6.81 55.19 10.66
CA PHE B 339 -5.80 55.82 9.78
C PHE B 339 -4.66 54.82 9.56
N LEU B 340 -4.21 54.19 10.64
CA LEU B 340 -3.11 53.23 10.52
C LEU B 340 -3.49 52.07 9.61
N ASN B 341 -4.72 51.56 9.74
CA ASN B 341 -5.17 50.47 8.88
C ASN B 341 -5.29 50.92 7.43
N LEU B 342 -5.87 52.09 7.20
CA LEU B 342 -6.11 52.58 5.85
C LEU B 342 -4.79 52.75 5.09
N VAL B 343 -3.81 53.38 5.74
CA VAL B 343 -2.52 53.61 5.10
C VAL B 343 -1.82 52.28 4.80
N GLN B 344 -1.98 51.30 5.68
CA GLN B 344 -1.41 49.97 5.41
C GLN B 344 -2.08 49.33 4.20
N CYS B 345 -3.40 49.46 4.09
CA CYS B 345 -4.10 48.90 2.94
C CYS B 345 -3.67 49.59 1.64
N ILE B 346 -3.45 50.90 1.70
CA ILE B 346 -3.00 51.63 0.51
C ILE B 346 -1.59 51.22 0.13
N GLN B 347 -0.71 51.08 1.12
CA GLN B 347 0.70 50.81 0.83
C GLN B 347 0.92 49.34 0.44
N ASN B 348 0.36 48.40 1.20
CA ASN B 348 0.59 46.98 0.95
C ASN B 348 -0.56 46.19 1.59
N LYS B 349 -1.63 46.00 0.83
CA LYS B 349 -2.80 45.31 1.37
C LYS B 349 -2.52 43.85 1.72
N PRO B 350 -1.79 43.05 0.92
CA PRO B 350 -1.49 41.68 1.36
C PRO B 350 -0.69 41.61 2.66
N LEU B 351 0.31 42.48 2.84
CA LEU B 351 1.05 42.50 4.09
C LEU B 351 0.15 42.90 5.25
N TYR B 352 -0.80 43.82 5.00
CA TYR B 352 -1.76 44.22 6.01
C TYR B 352 -2.52 43.01 6.56
N PHE B 353 -3.02 42.17 5.67
CA PHE B 353 -3.76 40.99 6.12
C PHE B 353 -2.84 39.98 6.79
N ALA B 354 -1.59 39.87 6.32
CA ALA B 354 -0.62 38.99 6.96
C ALA B 354 -0.41 39.38 8.42
N ASP B 355 -0.25 40.69 8.67
CA ASP B 355 -0.08 41.15 10.04
C ASP B 355 -1.33 40.92 10.87
N ARG B 356 -2.51 41.10 10.26
CA ARG B 356 -3.75 40.88 10.99
C ARG B 356 -3.95 39.40 11.30
N LEU B 357 -3.61 38.53 10.35
CA LEU B 357 -3.65 37.10 10.64
C LEU B 357 -2.69 36.74 11.75
N TYR B 358 -1.49 37.33 11.75
CA TYR B 358 -0.53 37.06 12.81
C TYR B 358 -1.04 37.56 14.16
N ASP B 359 -1.65 38.74 14.18
CA ASP B 359 -2.17 39.29 15.44
C ASP B 359 -3.31 38.44 15.98
N SER B 360 -4.16 37.91 15.09
CA SER B 360 -5.29 37.10 15.54
C SER B 360 -4.86 35.80 16.19
N MET B 361 -3.62 35.35 15.96
CA MET B 361 -3.15 34.06 16.43
C MET B 361 -1.93 34.11 17.34
N LYS B 362 -1.28 35.26 17.48
CA LYS B 362 0.04 35.28 18.12
C LYS B 362 -0.04 34.98 19.62
N GLY B 363 -1.05 35.51 20.30
CA GLY B 363 -1.12 35.46 21.74
C GLY B 363 -1.98 34.32 22.26
N LYS B 364 -2.46 34.49 23.49
CA LYS B 364 -3.32 33.51 24.13
C LYS B 364 -4.63 33.37 23.35
N GLY B 365 -4.94 32.15 22.95
CA GLY B 365 -6.16 31.90 22.22
C GLY B 365 -6.10 32.41 20.79
N THR B 366 -7.30 32.61 20.21
CA THR B 366 -7.43 32.99 18.82
C THR B 366 -8.57 33.97 18.67
N ARG B 367 -8.33 35.07 17.95
CA ARG B 367 -9.41 35.96 17.52
C ARG B 367 -10.02 35.34 16.26
N ASP B 368 -10.93 34.39 16.49
CA ASP B 368 -11.45 33.57 15.41
C ASP B 368 -12.28 34.38 14.43
N LYS B 369 -12.96 35.42 14.89
CA LYS B 369 -13.75 36.25 13.98
C LYS B 369 -12.87 36.90 12.93
N VAL B 370 -11.67 37.34 13.31
CA VAL B 370 -10.75 37.95 12.36
C VAL B 370 -10.12 36.88 11.48
N LEU B 371 -9.67 35.78 12.08
CA LEU B 371 -8.99 34.74 11.32
C LEU B 371 -9.90 34.14 10.25
N ILE B 372 -11.14 33.79 10.63
CA ILE B 372 -12.05 33.17 9.68
C ILE B 372 -12.41 34.14 8.57
N ARG B 373 -12.71 35.40 8.93
CA ARG B 373 -13.16 36.37 7.93
C ARG B 373 -12.09 36.62 6.88
N ILE B 374 -10.82 36.66 7.29
CA ILE B 374 -9.75 36.88 6.32
C ILE B 374 -9.57 35.65 5.44
N MET B 375 -9.58 34.46 6.03
CA MET B 375 -9.40 33.24 5.24
C MET B 375 -10.55 33.02 4.28
N VAL B 376 -11.76 33.51 4.61
CA VAL B 376 -12.89 33.36 3.71
C VAL B 376 -12.89 34.44 2.65
N SER B 377 -12.71 35.70 3.06
CA SER B 377 -12.88 36.82 2.14
C SER B 377 -11.69 37.02 1.21
N ARG B 378 -10.50 36.58 1.59
CA ARG B 378 -9.31 36.76 0.76
C ARG B 378 -8.84 35.48 0.07
N SER B 379 -9.51 34.35 0.33
CA SER B 379 -9.09 33.09 -0.27
C SER B 379 -9.10 33.14 -1.79
N GLU B 380 -9.95 34.00 -2.36
CA GLU B 380 -10.08 34.11 -3.81
C GLU B 380 -9.62 35.45 -4.34
N VAL B 381 -9.01 36.28 -3.50
CA VAL B 381 -8.46 37.56 -3.96
C VAL B 381 -6.94 37.49 -4.04
N ASP B 382 -6.28 37.56 -2.89
CA ASP B 382 -4.82 37.70 -2.87
C ASP B 382 -4.17 36.81 -1.82
N MET B 383 -4.77 35.66 -1.53
CA MET B 383 -4.26 34.80 -0.45
C MET B 383 -2.81 34.39 -0.70
N LEU B 384 -2.44 34.16 -1.96
CA LEU B 384 -1.07 33.77 -2.26
C LEU B 384 -0.10 34.89 -1.95
N LYS B 385 -0.49 36.14 -2.23
CA LYS B 385 0.34 37.27 -1.83
C LYS B 385 0.43 37.38 -0.32
N ILE B 386 -0.68 37.14 0.37
CA ILE B 386 -0.69 37.20 1.84
C ILE B 386 0.29 36.19 2.42
N ARG B 387 0.28 34.96 1.89
CA ARG B 387 1.16 33.92 2.39
C ARG B 387 2.62 34.25 2.08
N SER B 388 2.90 34.82 0.92
CA SER B 388 4.27 35.21 0.58
C SER B 388 4.77 36.27 1.56
N GLU B 389 3.92 37.27 1.85
CA GLU B 389 4.29 38.29 2.82
C GLU B 389 4.41 37.71 4.23
N PHE B 390 3.50 36.80 4.58
CA PHE B 390 3.54 36.20 5.91
C PHE B 390 4.80 35.36 6.11
N LYS B 391 5.17 34.57 5.11
CA LYS B 391 6.38 33.76 5.21
C LYS B 391 7.63 34.63 5.29
N ARG B 392 7.69 35.68 4.46
CA ARG B 392 8.87 36.54 4.43
C ARG B 392 9.09 37.23 5.77
N LYS B 393 8.01 37.69 6.40
CA LYS B 393 8.15 38.47 7.63
C LYS B 393 8.34 37.57 8.85
N TYR B 394 7.52 36.53 8.99
CA TYR B 394 7.47 35.75 10.22
C TYR B 394 8.28 34.47 10.16
N GLY B 395 8.83 34.11 9.00
CA GLY B 395 9.73 32.97 8.93
C GLY B 395 9.04 31.63 8.87
N LYS B 396 7.84 31.54 9.43
CA LYS B 396 7.00 30.35 9.32
C LYS B 396 5.79 30.67 8.46
N SER B 397 5.22 29.64 7.87
CA SER B 397 4.11 29.83 6.95
C SER B 397 2.82 30.14 7.70
N LEU B 398 1.89 30.80 6.99
CA LEU B 398 0.54 30.99 7.52
C LEU B 398 -0.11 29.66 7.82
N TYR B 399 0.13 28.65 6.98
CA TYR B 399 -0.32 27.29 7.24
C TYR B 399 0.09 26.83 8.64
N TYR B 400 1.35 27.08 9.00
CA TYR B 400 1.88 26.60 10.27
C TYR B 400 1.17 27.26 11.46
N TYR B 401 0.93 28.56 11.39
CA TYR B 401 0.32 29.26 12.52
C TYR B 401 -1.13 28.85 12.72
N ILE B 402 -1.87 28.67 11.61
CA ILE B 402 -3.21 28.11 11.71
C ILE B 402 -3.18 26.76 12.40
N GLN B 403 -2.19 25.94 12.07
CA GLN B 403 -2.09 24.60 12.64
C GLN B 403 -1.88 24.65 14.15
N GLN B 404 -1.12 25.63 14.63
CA GLN B 404 -0.82 25.72 16.05
C GLN B 404 -1.94 26.36 16.86
N ASP B 405 -2.85 27.09 16.22
CA ASP B 405 -3.89 27.82 16.93
C ASP B 405 -5.28 27.19 16.77
N THR B 406 -5.48 26.30 15.82
CA THR B 406 -6.77 25.68 15.58
C THR B 406 -6.63 24.17 15.52
N LYS B 407 -7.74 23.46 15.69
CA LYS B 407 -7.75 22.00 15.71
C LYS B 407 -9.01 21.50 15.03
N GLY B 408 -9.05 20.18 14.80
CA GLY B 408 -10.22 19.51 14.29
C GLY B 408 -10.52 19.82 12.83
N ASP B 409 -11.78 19.59 12.46
CA ASP B 409 -12.24 19.92 11.11
C ASP B 409 -12.22 21.42 10.87
N TYR B 410 -12.35 22.21 11.93
CA TYR B 410 -12.19 23.66 11.82
C TYR B 410 -10.81 24.01 11.30
N GLN B 411 -9.78 23.34 11.82
CA GLN B 411 -8.42 23.57 11.34
C GLN B 411 -8.29 23.18 9.87
N LYS B 412 -8.88 22.05 9.52
CA LYS B 412 -8.78 21.51 8.14
C LYS B 412 -9.39 22.50 7.15
N ALA B 413 -10.54 23.06 7.47
CA ALA B 413 -11.20 24.00 6.57
C ALA B 413 -10.34 25.24 6.35
N LEU B 414 -9.75 25.77 7.42
CA LEU B 414 -8.89 26.94 7.28
C LEU B 414 -7.63 26.60 6.50
N LEU B 415 -7.04 25.43 6.75
CA LEU B 415 -5.86 25.03 6.01
C LEU B 415 -6.17 24.81 4.54
N TYR B 416 -7.39 24.36 4.22
CA TYR B 416 -7.79 24.27 2.82
C TYR B 416 -7.94 25.64 2.19
N LEU B 417 -8.56 26.58 2.91
CA LEU B 417 -8.65 27.95 2.42
C LEU B 417 -7.27 28.59 2.32
N CYS B 418 -6.32 28.15 3.14
CA CYS B 418 -4.94 28.63 3.03
C CYS B 418 -4.34 28.23 1.69
N GLY B 419 -4.62 27.01 1.24
CA GLY B 419 -4.14 26.52 -0.04
C GLY B 419 -2.93 25.61 0.04
N GLY B 420 -2.13 25.72 1.09
CA GLY B 420 -0.96 24.88 1.24
C GLY B 420 0.07 25.51 2.15
N ASP B 421 1.15 24.78 2.35
CA ASP B 421 2.23 25.20 3.22
C ASP B 421 3.29 25.97 2.42
N ASP B 422 4.08 26.77 3.15
CA ASP B 422 5.14 27.55 2.53
C ASP B 422 6.47 27.32 3.24
N GLN C 10 -22.10 7.09 -19.60
CA GLN C 10 -22.09 5.65 -19.26
C GLN C 10 -20.86 5.00 -19.89
N SER C 11 -20.41 5.49 -21.04
CA SER C 11 -19.29 4.79 -21.73
C SER C 11 -18.40 5.72 -22.54
N GLU C 12 -17.09 5.48 -22.50
CA GLU C 12 -16.16 6.24 -23.36
C GLU C 12 -15.90 5.37 -24.58
N THR C 13 -15.93 5.96 -25.76
CA THR C 13 -15.66 5.19 -26.99
C THR C 13 -14.40 5.73 -27.65
N SER C 14 -13.47 4.84 -28.01
CA SER C 14 -12.20 5.24 -28.64
C SER C 14 -12.38 5.46 -30.14
N VAL C 15 -11.87 6.58 -30.65
CA VAL C 15 -12.02 6.90 -32.09
C VAL C 15 -10.63 7.19 -32.69
N GLN D 10 28.88 -59.09 7.11
CA GLN D 10 28.47 -60.34 6.44
C GLN D 10 28.72 -61.54 7.35
N SER D 11 29.08 -62.68 6.78
CA SER D 11 29.32 -63.91 7.57
C SER D 11 28.15 -64.21 8.50
N GLU D 12 26.95 -64.37 7.93
CA GLU D 12 25.85 -64.79 8.80
C GLU D 12 26.29 -66.16 9.35
N THR D 13 26.27 -66.32 10.66
CA THR D 13 26.65 -67.61 11.26
C THR D 13 25.43 -68.20 11.97
N SER D 14 25.11 -69.45 11.67
CA SER D 14 23.89 -70.07 12.23
C SER D 14 24.13 -70.60 13.64
N VAL D 15 23.29 -70.18 14.58
CA VAL D 15 23.39 -70.68 15.96
C VAL D 15 22.05 -71.27 16.40
CA CA E . 29.40 -40.49 -19.48
CA CA F . 28.22 -26.65 -16.07
CA CA G . -16.09 -8.16 -0.55
CA CA H . 4.91 -32.47 -20.12
C1 GOL I . 11.51 -27.78 3.39
O1 GOL I . 10.92 -28.84 2.65
C2 GOL I . 12.93 -28.09 3.78
O2 GOL I . 13.77 -28.05 2.63
C3 GOL I . 13.46 -27.19 4.87
O3 GOL I . 13.96 -25.97 4.35
C1 GOL J . 1.73 -23.57 6.08
O1 GOL J . 2.89 -23.84 5.37
C2 GOL J . 2.12 -22.66 7.27
O2 GOL J . 2.42 -21.37 6.86
C3 GOL J . 3.34 -23.36 7.92
O3 GOL J . 3.57 -22.72 9.14
C1 PE4 K . -23.51 -13.92 9.25
C2 PE4 K . -22.74 -13.66 10.50
O2 PE4 K . -21.71 -12.72 10.24
C3 PE4 K . -20.46 -13.10 10.82
C4 PE4 K . -19.61 -11.89 11.01
O3 PE4 K . -20.42 -10.72 11.02
C5 PE4 K . -20.49 -10.10 12.29
C6 PE4 K . -21.29 -8.85 12.22
O4 PE4 K . -21.21 -8.33 10.90
C7 PE4 K . -21.56 -6.94 10.83
C8 PE4 K . -23.04 -6.80 10.96
O5 PE4 K . -23.67 -7.16 9.73
C9 PE4 K . -25.07 -7.31 9.86
C10 PE4 K . -25.70 -7.27 8.50
CA CA L . -9.90 -12.81 -8.56
CA CA M . -18.86 12.99 12.28
CA CA N . 0.16 68.60 15.54
CA CA O . -2.82 31.66 19.83
C1 GOL P . -13.36 41.32 -0.29
O1 GOL P . -12.26 40.53 0.03
C2 GOL P . -14.31 40.45 -1.14
O2 GOL P . -14.86 39.40 -0.41
C3 GOL P . -15.40 41.43 -1.66
O3 GOL P . -16.21 41.74 -0.57
C1 GOL Q . -7.40 50.93 -0.03
O1 GOL Q . -8.03 49.80 0.50
C2 GOL Q . -8.51 51.81 -0.65
O2 GOL Q . -9.39 52.30 0.31
C3 GOL Q . -9.22 50.90 -1.67
O3 GOL Q . -9.99 51.73 -2.49
CA CA R . -1.95 59.70 20.01
#